data_4YH6
#
_entry.id   4YH6
#
_cell.length_a   102.454
_cell.length_b   102.454
_cell.length_c   222.712
_cell.angle_alpha   90.00
_cell.angle_beta   90.00
_cell.angle_gamma   90.00
#
_symmetry.space_group_name_H-M   'P 42 21 2'
#
loop_
_entity.id
_entity.type
_entity.pdbx_description
1 polymer 'Interleukin-1 receptor accessory protein-like 1'
2 branched beta-D-mannopyranose-(1-4)-2-acetamido-2-deoxy-beta-D-glucopyranose-(1-4)-2-acetamido-2-deoxy-beta-D-glucopyranose
3 branched alpha-D-mannopyranose-(1-3)-[alpha-D-mannopyranose-(1-6)]beta-D-mannopyranose-(1-4)-2-acetamido-2-deoxy-beta-D-glucopyranose-(1-4)-2-acetamido-2-deoxy-beta-D-glucopyranose
4 branched alpha-D-mannopyranose-(1-3)-beta-D-mannopyranose-(1-4)-2-acetamido-2-deoxy-beta-D-glucopyranose-(1-4)-2-acetamido-2-deoxy-beta-D-glucopyranose
5 non-polymer 2-acetamido-2-deoxy-beta-D-glucopyranose
#
_entity_poly.entity_id   1
_entity_poly.type   'polypeptide(L)'
_entity_poly.pdbx_seq_one_letter_code
;AQPAARDLKVVTKRGSADGCTDWSVDIKKYQVLVGEPVRIKCALFYGYIRTNYSLAQSAGLSLMWYKSSGPGDFEEPIAF
DGSRMSKEEDSIWFRPTLLQDSGLYACVIRNSTYCMKVSISLTVGENDTGLCYNSKMKYFEKAELSKSKEISCRDIEDFL
LPTREPEILWYKECRTKAWRPSIVFKRDTLLIKEVKEDDIGNYTCELKYGGFVVRRTTELTVTAPLTDKPPKLLYPMESK
LTVQETQLGGSANLTCRAFFGYSGDVSPLIYWMKGEKFIEDLDENRVWESDIRILKEHLGEQEVSISLIVDSVEEGDLGN
YSCYVENGNGRRHASVLLHKRKHHHHHH
;
_entity_poly.pdbx_strand_id   A,B
#
loop_
_chem_comp.id
_chem_comp.type
_chem_comp.name
_chem_comp.formula
BMA D-saccharide, beta linking beta-D-mannopyranose 'C6 H12 O6'
MAN D-saccharide, alpha linking alpha-D-mannopyranose 'C6 H12 O6'
NAG D-saccharide, beta linking 2-acetamido-2-deoxy-beta-D-glucopyranose 'C8 H15 N O6'
#
# COMPACT_ATOMS: atom_id res chain seq x y z
N CYS A 20 22.21 7.13 -6.79
CA CYS A 20 22.07 7.97 -5.61
C CYS A 20 21.42 7.21 -4.47
N THR A 21 21.63 7.67 -3.24
CA THR A 21 21.07 7.02 -2.06
C THR A 21 19.55 7.04 -2.15
N ASP A 22 18.92 5.92 -1.82
CA ASP A 22 17.50 5.77 -2.08
C ASP A 22 16.70 5.34 -0.85
N TRP A 23 15.47 5.82 -0.79
CA TRP A 23 14.50 5.41 0.22
C TRP A 23 13.31 4.84 -0.53
N SER A 24 13.27 3.50 -0.62
CA SER A 24 12.35 2.74 -1.49
C SER A 24 10.99 3.40 -1.72
N VAL A 25 10.17 3.47 -0.66
CA VAL A 25 8.84 4.04 -0.77
C VAL A 25 8.45 4.77 0.51
N ASP A 26 7.89 5.97 0.36
CA ASP A 26 7.44 6.74 1.51
C ASP A 26 6.15 6.17 2.07
N ILE A 27 6.04 6.19 3.39
CA ILE A 27 4.87 5.67 4.08
C ILE A 27 3.62 6.45 3.70
N LYS A 28 3.80 7.77 3.52
CA LYS A 28 2.71 8.65 3.13
C LYS A 28 2.18 8.30 1.74
N LYS A 29 0.87 8.06 1.68
CA LYS A 29 0.20 7.72 0.43
C LYS A 29 -1.03 8.61 0.28
N TYR A 30 -1.35 8.97 -0.95
CA TYR A 30 -2.43 9.91 -1.20
C TYR A 30 -3.61 9.24 -1.91
N GLN A 31 -4.80 9.39 -1.32
CA GLN A 31 -6.02 8.89 -1.90
C GLN A 31 -7.00 10.04 -2.12
N VAL A 32 -7.42 10.24 -3.37
CA VAL A 32 -8.29 11.36 -3.70
C VAL A 32 -9.32 11.02 -4.77
N LEU A 33 -10.45 11.72 -4.73
CA LEU A 33 -11.47 11.57 -5.74
C LEU A 33 -11.10 12.37 -6.98
N VAL A 34 -11.39 11.84 -8.16
CA VAL A 34 -11.07 12.55 -9.39
C VAL A 34 -11.85 13.85 -9.50
N GLY A 35 -11.13 14.95 -9.73
CA GLY A 35 -11.76 16.25 -9.80
C GLY A 35 -11.64 17.08 -8.52
N GLU A 36 -10.82 16.62 -7.59
CA GLU A 36 -10.58 17.39 -6.36
C GLU A 36 -9.08 17.69 -6.23
N PRO A 37 -8.74 18.86 -5.65
CA PRO A 37 -7.35 19.31 -5.55
C PRO A 37 -6.49 18.50 -4.58
N VAL A 38 -5.25 18.23 -4.99
CA VAL A 38 -4.30 17.50 -4.16
C VAL A 38 -2.95 18.23 -4.10
N ARG A 39 -2.22 18.01 -3.03
CA ARG A 39 -0.85 18.52 -2.91
C ARG A 39 0.12 17.43 -2.50
N ILE A 40 1.00 17.06 -3.43
CA ILE A 40 2.01 16.06 -3.13
C ILE A 40 3.27 16.75 -2.65
N LYS A 41 3.76 16.31 -1.49
CA LYS A 41 4.90 16.94 -0.83
C LYS A 41 6.13 16.07 -0.98
N CYS A 42 7.26 16.68 -1.35
CA CYS A 42 8.52 15.95 -1.35
C CYS A 42 8.95 15.63 0.08
N ALA A 43 8.97 14.34 0.40
CA ALA A 43 9.19 13.89 1.77
C ALA A 43 10.58 14.26 2.30
N LEU A 44 11.53 14.44 1.38
CA LEU A 44 12.92 14.73 1.75
C LEU A 44 13.09 16.04 2.50
N PHE A 45 12.23 17.02 2.24
CA PHE A 45 12.39 18.33 2.87
C PHE A 45 11.67 18.43 4.21
N TYR A 46 10.61 17.65 4.38
CA TYR A 46 9.77 17.73 5.58
C TYR A 46 10.16 16.69 6.64
N GLY A 47 10.47 15.48 6.20
CA GLY A 47 10.74 14.40 7.13
C GLY A 47 12.19 13.96 7.22
N TYR A 48 12.73 13.53 6.08
CA TYR A 48 14.07 12.95 6.04
C TYR A 48 15.18 13.95 6.37
N ILE A 49 15.13 15.12 5.73
CA ILE A 49 16.16 16.14 5.93
C ILE A 49 15.55 17.43 6.46
N ARG A 50 16.19 18.02 7.46
CA ARG A 50 15.70 19.25 8.09
C ARG A 50 15.77 20.46 7.17
N THR A 51 16.81 20.53 6.35
CA THR A 51 17.06 21.69 5.49
C THR A 51 15.90 21.96 4.54
N ASN A 52 15.45 23.22 4.49
CA ASN A 52 14.33 23.61 3.64
C ASN A 52 14.72 23.69 2.18
N TYR A 53 13.72 23.67 1.30
CA TYR A 53 13.96 23.75 -0.14
C TYR A 53 14.60 25.08 -0.53
N SER A 54 14.20 26.15 0.16
CA SER A 54 14.71 27.49 -0.16
C SER A 54 16.18 27.65 0.19
N LEU A 55 16.63 26.96 1.24
CA LEU A 55 18.02 27.08 1.66
C LEU A 55 18.89 26.01 1.03
N ALA A 56 18.29 24.88 0.68
CA ALA A 56 19.00 23.78 0.04
C ALA A 56 19.39 24.12 -1.39
N GLN A 57 18.46 24.74 -2.11
CA GLN A 57 18.67 25.14 -3.51
C GLN A 57 19.77 26.19 -3.61
N SER A 58 19.93 26.98 -2.55
CA SER A 58 20.99 27.98 -2.48
C SER A 58 22.33 27.28 -2.62
N ALA A 59 22.42 26.08 -2.04
CA ALA A 59 23.64 25.28 -2.09
C ALA A 59 23.82 24.66 -3.48
N GLY A 60 22.91 24.96 -4.40
CA GLY A 60 23.01 24.49 -5.76
C GLY A 60 22.29 23.20 -6.08
N LEU A 61 21.53 22.67 -5.13
CA LEU A 61 20.75 21.46 -5.37
C LEU A 61 19.63 21.71 -6.38
N SER A 62 19.43 20.74 -7.26
CA SER A 62 18.39 20.82 -8.27
C SER A 62 17.31 19.74 -8.06
N LEU A 63 16.06 20.14 -8.19
CA LEU A 63 14.95 19.22 -7.91
C LEU A 63 14.25 18.75 -9.19
N MET A 64 14.04 17.44 -9.28
CA MET A 64 13.34 16.84 -10.41
C MET A 64 12.29 15.85 -9.92
N TRP A 65 11.25 15.65 -10.73
CA TRP A 65 10.22 14.68 -10.40
C TRP A 65 10.09 13.62 -11.50
N TYR A 66 9.64 12.43 -11.13
CA TYR A 66 9.42 11.36 -12.08
C TYR A 66 8.10 10.64 -11.82
N LYS A 67 7.38 10.30 -12.88
CA LYS A 67 6.15 9.53 -12.75
C LYS A 67 6.31 8.14 -13.35
N SER A 68 6.23 7.12 -12.50
CA SER A 68 6.45 5.75 -12.93
C SER A 68 5.15 4.96 -13.08
N SER A 69 4.25 5.13 -12.12
CA SER A 69 2.96 4.42 -12.08
C SER A 69 3.15 2.96 -11.68
N GLY A 70 4.40 2.59 -11.42
CA GLY A 70 4.74 1.25 -10.96
C GLY A 70 6.19 1.18 -10.52
N PRO A 71 6.53 0.20 -9.68
CA PRO A 71 7.89 0.04 -9.17
C PRO A 71 8.89 -0.41 -10.23
N GLY A 72 8.40 -1.01 -11.30
CA GLY A 72 9.27 -1.51 -12.36
C GLY A 72 9.22 -0.73 -13.65
N ASP A 73 8.35 0.28 -13.71
CA ASP A 73 8.13 1.03 -14.94
C ASP A 73 9.29 1.97 -15.26
N PHE A 74 9.16 2.67 -16.38
CA PHE A 74 10.23 3.50 -16.95
C PHE A 74 10.64 4.70 -16.11
N GLU A 75 9.69 5.24 -15.32
CA GLU A 75 9.91 6.46 -14.54
C GLU A 75 10.21 7.64 -15.46
N GLU A 76 9.23 8.01 -16.27
CA GLU A 76 9.39 9.11 -17.23
C GLU A 76 9.57 10.44 -16.52
N PRO A 77 10.54 11.25 -16.98
CA PRO A 77 10.67 12.60 -16.42
C PRO A 77 9.51 13.48 -16.85
N ILE A 78 8.89 14.17 -15.90
CA ILE A 78 7.73 14.98 -16.20
C ILE A 78 8.07 16.43 -16.46
N ALA A 79 7.66 16.90 -17.63
CA ALA A 79 7.73 18.31 -17.97
C ALA A 79 6.39 18.91 -17.59
N PHE A 80 6.39 19.76 -16.57
CA PHE A 80 5.16 20.28 -15.99
C PHE A 80 4.29 20.97 -17.03
N ASP A 81 4.68 22.18 -17.42
CA ASP A 81 4.05 22.87 -18.56
C ASP A 81 2.53 22.92 -18.47
N GLY A 82 1.99 22.88 -17.26
CA GLY A 82 0.56 22.75 -17.11
C GLY A 82 -0.21 23.76 -16.29
N SER A 83 -1.50 23.84 -16.60
CA SER A 83 -2.45 24.66 -15.88
C SER A 83 -2.76 23.97 -14.56
N ARG A 84 -2.87 22.65 -14.62
CA ARG A 84 -3.24 21.82 -13.50
C ARG A 84 -2.02 21.46 -12.66
N MET A 85 -1.02 20.86 -13.29
CA MET A 85 0.16 20.41 -12.55
C MET A 85 1.16 21.55 -12.40
N SER A 86 1.36 21.97 -11.17
CA SER A 86 2.22 23.12 -10.87
C SER A 86 3.40 22.73 -10.01
N LYS A 87 4.61 23.06 -10.46
CA LYS A 87 5.80 22.86 -9.66
C LYS A 87 6.02 24.08 -8.76
N GLU A 88 5.58 23.98 -7.51
CA GLU A 88 5.74 25.08 -6.57
C GLU A 88 6.64 24.65 -5.43
N GLU A 89 7.86 25.17 -5.43
CA GLU A 89 8.83 24.89 -4.38
C GLU A 89 9.07 23.40 -4.20
N ASP A 90 8.80 22.90 -3.01
CA ASP A 90 9.04 21.51 -2.66
C ASP A 90 7.86 20.60 -2.92
N SER A 91 6.85 21.10 -3.64
CA SER A 91 5.63 20.33 -3.82
C SER A 91 5.06 20.40 -5.24
N ILE A 92 4.14 19.48 -5.54
CA ILE A 92 3.38 19.50 -6.78
C ILE A 92 1.90 19.69 -6.49
N TRP A 93 1.26 20.57 -7.25
CA TRP A 93 -0.16 20.85 -7.08
C TRP A 93 -1.00 20.25 -8.20
N PHE A 94 -2.08 19.57 -7.83
CA PHE A 94 -3.04 19.06 -8.81
C PHE A 94 -4.38 19.78 -8.63
N ARG A 95 -4.77 20.56 -9.61
CA ARG A 95 -6.05 21.26 -9.56
C ARG A 95 -6.74 21.32 -10.91
N PRO A 96 -7.65 20.36 -11.17
CA PRO A 96 -7.94 19.23 -10.28
C PRO A 96 -7.06 18.03 -10.57
N THR A 97 -7.34 16.90 -9.92
CA THR A 97 -6.64 15.66 -10.20
C THR A 97 -7.37 14.89 -11.30
N LEU A 98 -6.62 14.07 -12.02
CA LEU A 98 -7.19 13.25 -13.09
C LEU A 98 -6.93 11.78 -12.81
N LEU A 99 -7.70 10.90 -13.48
CA LEU A 99 -7.55 9.47 -13.31
C LEU A 99 -6.17 8.99 -13.76
N GLN A 100 -5.56 9.74 -14.69
CA GLN A 100 -4.21 9.43 -15.17
C GLN A 100 -3.16 9.60 -14.08
N ASP A 101 -3.41 10.55 -13.18
CA ASP A 101 -2.42 10.95 -12.18
C ASP A 101 -2.01 9.85 -11.21
N SER A 102 -2.81 8.79 -11.14
CA SER A 102 -2.51 7.68 -10.24
C SER A 102 -1.18 7.03 -10.58
N GLY A 103 -0.28 6.99 -9.59
CA GLY A 103 1.04 6.40 -9.80
C GLY A 103 2.04 6.74 -8.72
N LEU A 104 3.30 6.41 -8.99
CA LEU A 104 4.40 6.72 -8.07
C LEU A 104 5.17 7.97 -8.51
N TYR A 105 5.28 8.94 -7.61
CA TYR A 105 6.00 10.18 -7.89
C TYR A 105 7.29 10.26 -7.10
N ALA A 106 8.42 10.38 -7.79
CA ALA A 106 9.72 10.40 -7.15
C ALA A 106 10.42 11.75 -7.27
N CYS A 107 10.76 12.36 -6.13
CA CYS A 107 11.44 13.65 -6.11
C CYS A 107 12.94 13.46 -5.87
N VAL A 108 13.75 13.98 -6.79
CA VAL A 108 15.19 13.78 -6.73
C VAL A 108 15.91 15.13 -6.56
N ILE A 109 16.91 15.14 -5.68
CA ILE A 109 17.74 16.33 -5.44
C ILE A 109 19.13 16.07 -6.01
N ARG A 110 19.63 16.99 -6.83
CA ARG A 110 20.89 16.75 -7.53
C ARG A 110 22.00 17.70 -7.09
N ASN A 111 23.21 17.17 -7.03
CA ASN A 111 24.39 17.91 -6.62
C ASN A 111 25.56 17.45 -7.49
N SER A 112 26.72 18.07 -7.31
CA SER A 112 27.92 17.59 -8.00
C SER A 112 28.30 16.19 -7.52
N THR A 113 28.18 15.98 -6.21
CA THR A 113 28.58 14.71 -5.59
C THR A 113 27.51 14.09 -4.71
N TYR A 114 26.34 14.73 -4.63
CA TYR A 114 25.30 14.33 -3.69
C TYR A 114 23.96 14.09 -4.38
N CYS A 115 23.28 13.01 -4.03
CA CYS A 115 21.95 12.76 -4.55
C CYS A 115 21.07 11.98 -3.57
N MET A 116 19.78 12.32 -3.55
CA MET A 116 18.80 11.59 -2.77
C MET A 116 17.44 11.61 -3.47
N LYS A 117 16.71 10.50 -3.36
CA LYS A 117 15.39 10.41 -3.96
C LYS A 117 14.44 9.59 -3.09
N VAL A 118 13.15 9.92 -3.16
CA VAL A 118 12.11 9.18 -2.45
C VAL A 118 10.85 9.16 -3.30
N SER A 119 10.05 8.10 -3.15
CA SER A 119 8.87 7.92 -4.00
C SER A 119 7.58 8.06 -3.20
N ILE A 120 6.64 8.81 -3.76
CA ILE A 120 5.35 9.04 -3.11
C ILE A 120 4.23 8.40 -3.93
N SER A 121 3.30 7.75 -3.25
CA SER A 121 2.20 7.05 -3.92
C SER A 121 0.92 7.86 -3.94
N LEU A 122 0.41 8.13 -5.13
CA LEU A 122 -0.87 8.83 -5.29
C LEU A 122 -1.88 7.94 -5.99
N THR A 123 -3.02 7.72 -5.33
CA THR A 123 -4.07 6.90 -5.91
C THR A 123 -5.35 7.73 -6.10
N VAL A 124 -5.82 7.80 -7.34
CA VAL A 124 -7.01 8.57 -7.66
C VAL A 124 -8.16 7.66 -8.08
N GLY A 125 -9.32 7.85 -7.45
CA GLY A 125 -10.48 7.04 -7.74
C GLY A 125 -11.73 7.87 -7.94
N GLU A 126 -12.77 7.24 -8.49
CA GLU A 126 -14.02 7.93 -8.77
C GLU A 126 -15.15 7.42 -7.89
N ASN A 127 -16.10 8.29 -7.56
CA ASN A 127 -17.27 7.88 -6.79
C ASN A 127 -18.08 6.81 -7.53
N ASP A 128 -18.50 5.79 -6.80
CA ASP A 128 -19.02 4.57 -7.43
C ASP A 128 -20.54 4.47 -7.48
N THR A 129 -21.09 4.58 -8.70
CA THR A 129 -22.49 4.27 -8.99
C THR A 129 -23.47 5.01 -8.07
N GLY A 130 -23.61 6.31 -8.27
CA GLY A 130 -24.63 7.08 -7.57
C GLY A 130 -24.23 7.46 -6.15
N LEU A 131 -23.07 6.98 -5.72
CA LEU A 131 -22.57 7.30 -4.38
C LEU A 131 -21.60 8.47 -4.44
N CYS A 132 -21.42 9.18 -3.33
CA CYS A 132 -20.54 10.33 -3.28
C CYS A 132 -19.08 9.98 -3.04
N TYR A 133 -18.82 8.74 -2.60
CA TYR A 133 -17.47 8.37 -2.19
C TYR A 133 -16.96 7.11 -2.88
N ASN A 134 -15.69 6.79 -2.61
CA ASN A 134 -15.11 5.53 -3.04
C ASN A 134 -15.00 4.60 -1.84
N SER A 135 -15.45 3.36 -1.99
CA SER A 135 -15.50 2.41 -0.88
C SER A 135 -14.13 2.09 -0.32
N LYS A 136 -13.15 1.91 -1.21
CA LYS A 136 -11.80 1.57 -0.79
C LYS A 136 -11.10 2.74 -0.12
N MET A 137 -11.45 3.96 -0.51
CA MET A 137 -10.81 5.15 0.04
C MET A 137 -11.71 5.87 1.05
N LYS A 138 -11.62 5.47 2.31
CA LYS A 138 -12.34 6.15 3.38
C LYS A 138 -11.78 5.77 4.75
N TYR A 139 -12.11 6.57 5.76
CA TYR A 139 -11.64 6.34 7.12
C TYR A 139 -12.59 5.44 7.89
N PHE A 140 -12.13 4.91 9.02
CA PHE A 140 -12.95 4.05 9.85
C PHE A 140 -12.85 4.42 11.33
N GLU A 141 -13.95 4.23 12.06
CA GLU A 141 -14.00 4.53 13.48
C GLU A 141 -14.86 3.53 14.24
N LYS A 142 -14.65 3.46 15.55
CA LYS A 142 -15.45 2.61 16.42
C LYS A 142 -15.96 3.42 17.61
N ALA A 143 -17.17 3.13 18.06
CA ALA A 143 -17.77 3.85 19.16
C ALA A 143 -18.47 2.91 20.13
N GLU A 144 -18.63 3.36 21.38
CA GLU A 144 -19.32 2.58 22.39
C GLU A 144 -20.73 3.13 22.57
N LEU A 145 -21.70 2.23 22.69
CA LEU A 145 -23.10 2.62 22.84
C LEU A 145 -23.30 3.47 24.08
N SER A 146 -24.14 4.51 23.94
CA SER A 146 -24.50 5.43 25.02
C SER A 146 -23.31 6.22 25.55
N LYS A 147 -22.26 6.35 24.74
CA LYS A 147 -21.11 7.15 25.11
C LYS A 147 -20.72 8.13 24.01
N SER A 148 -19.99 9.17 24.38
CA SER A 148 -19.58 10.20 23.43
C SER A 148 -18.45 9.74 22.49
N LYS A 149 -18.53 10.18 21.24
CA LYS A 149 -17.50 9.92 20.25
C LYS A 149 -17.43 11.07 19.24
N GLU A 150 -16.22 11.46 18.88
CA GLU A 150 -16.00 12.57 17.96
C GLU A 150 -15.45 12.12 16.62
N ILE A 151 -16.09 12.58 15.55
CA ILE A 151 -15.64 12.30 14.20
C ILE A 151 -15.10 13.57 13.57
N SER A 152 -13.87 13.51 13.08
CA SER A 152 -13.18 14.69 12.58
C SER A 152 -12.89 14.60 11.09
N CYS A 153 -12.77 15.75 10.46
CA CYS A 153 -12.37 15.80 9.06
C CYS A 153 -10.85 15.74 9.00
N ARG A 154 -10.33 14.54 8.78
CA ARG A 154 -8.91 14.26 8.95
C ARG A 154 -8.06 14.55 7.72
N ASP A 155 -6.80 14.89 7.99
CA ASP A 155 -5.80 15.15 6.96
C ASP A 155 -6.27 16.24 6.00
N ILE A 156 -6.82 17.31 6.56
CA ILE A 156 -7.23 18.44 5.75
C ILE A 156 -6.35 19.64 6.12
N GLU A 157 -5.67 20.16 5.11
CA GLU A 157 -4.75 21.27 5.24
C GLU A 157 -4.29 21.60 3.83
N ASP A 158 -3.59 22.73 3.67
CA ASP A 158 -3.21 23.28 2.37
C ASP A 158 -4.44 23.81 1.63
N PHE A 159 -5.62 23.63 2.21
CA PHE A 159 -6.86 24.14 1.63
C PHE A 159 -7.48 25.17 2.57
N LEU A 160 -6.66 25.73 3.45
CA LEU A 160 -7.13 26.68 4.46
C LEU A 160 -6.80 28.11 4.05
N GLU A 167 -14.66 26.75 7.09
CA GLU A 167 -16.05 26.32 7.17
C GLU A 167 -16.22 24.90 6.63
N ILE A 168 -17.05 24.12 7.31
CA ILE A 168 -17.31 22.73 6.90
C ILE A 168 -18.78 22.37 6.99
N LEU A 169 -19.22 21.50 6.09
CA LEU A 169 -20.59 21.00 6.09
C LEU A 169 -20.57 19.47 6.10
N TRP A 170 -21.43 18.87 6.91
CA TRP A 170 -21.43 17.42 7.09
C TRP A 170 -22.67 16.74 6.48
N TYR A 171 -22.45 15.59 5.87
CA TYR A 171 -23.53 14.80 5.26
C TYR A 171 -23.60 13.42 5.89
N LYS A 172 -24.80 12.86 5.97
CA LYS A 172 -24.98 11.51 6.48
C LYS A 172 -25.58 10.61 5.40
N GLU A 173 -24.85 9.55 5.05
CA GLU A 173 -25.25 8.64 3.98
C GLU A 173 -25.43 9.35 2.64
N CYS A 174 -24.50 10.25 2.34
CA CYS A 174 -24.49 11.00 1.08
C CYS A 174 -25.74 11.84 0.90
N ARG A 175 -26.32 12.31 1.99
CA ARG A 175 -27.51 13.15 1.96
C ARG A 175 -27.46 14.24 3.03
N THR A 176 -28.03 15.40 2.71
CA THR A 176 -28.12 16.47 3.68
C THR A 176 -29.10 16.10 4.79
N LYS A 177 -28.73 16.36 6.03
CA LYS A 177 -29.57 15.99 7.16
C LYS A 177 -29.72 17.13 8.16
N ALA A 178 -30.84 17.13 8.88
CA ALA A 178 -31.02 18.03 10.02
C ALA A 178 -30.61 17.30 11.29
N TRP A 179 -29.60 17.83 11.97
CA TRP A 179 -28.98 17.11 13.08
C TRP A 179 -29.59 17.46 14.43
N ARG A 180 -29.82 16.43 15.24
CA ARG A 180 -30.40 16.58 16.57
C ARG A 180 -29.45 17.33 17.50
N PRO A 181 -29.98 17.95 18.56
CA PRO A 181 -29.14 18.68 19.53
C PRO A 181 -28.09 17.79 20.19
N SER A 182 -28.25 16.47 20.10
CA SER A 182 -27.25 15.55 20.61
C SER A 182 -25.96 15.67 19.80
N ILE A 183 -26.10 15.96 18.51
CA ILE A 183 -24.94 16.17 17.64
C ILE A 183 -24.62 17.66 17.54
N VAL A 184 -23.38 18.01 17.84
CA VAL A 184 -22.95 19.41 17.85
C VAL A 184 -21.80 19.63 16.86
N PHE A 185 -21.81 20.80 16.22
CA PHE A 185 -20.78 21.14 15.23
C PHE A 185 -19.78 22.17 15.75
N LYS A 186 -18.51 21.79 15.71
CA LYS A 186 -17.40 22.67 16.00
C LYS A 186 -16.41 22.51 14.84
N ARG A 187 -15.87 23.62 14.35
CA ARG A 187 -14.88 23.63 13.26
C ARG A 187 -14.04 22.36 13.13
N ASP A 188 -14.23 21.68 12.00
CA ASP A 188 -13.47 20.51 11.55
C ASP A 188 -13.77 19.23 12.34
N THR A 189 -14.72 19.31 13.29
CA THR A 189 -15.08 18.14 14.09
C THR A 189 -16.59 17.90 14.14
N LEU A 190 -16.97 16.65 14.39
CA LEU A 190 -18.36 16.30 14.59
C LEU A 190 -18.44 15.56 15.93
N LEU A 191 -19.28 16.05 16.83
CA LEU A 191 -19.37 15.46 18.16
C LEU A 191 -20.77 14.93 18.48
N ILE A 192 -20.81 13.66 18.89
CA ILE A 192 -22.05 13.04 19.33
C ILE A 192 -22.00 12.78 20.83
N LYS A 193 -22.86 13.47 21.58
CA LYS A 193 -22.87 13.36 23.03
C LYS A 193 -23.22 11.95 23.48
N GLU A 194 -24.29 11.41 22.91
CA GLU A 194 -24.69 10.04 23.17
C GLU A 194 -24.81 9.25 21.88
N VAL A 195 -24.04 8.17 21.75
CA VAL A 195 -24.05 7.39 20.53
C VAL A 195 -25.15 6.35 20.61
N LYS A 196 -25.95 6.26 19.55
CA LYS A 196 -27.08 5.35 19.52
C LYS A 196 -26.88 4.34 18.40
N GLU A 197 -27.54 3.20 18.49
CA GLU A 197 -27.39 2.15 17.50
C GLU A 197 -27.89 2.56 16.11
N ASP A 198 -28.70 3.61 16.05
CA ASP A 198 -29.20 4.11 14.77
C ASP A 198 -28.18 4.94 13.98
N ASP A 199 -27.40 5.75 14.68
CA ASP A 199 -26.42 6.62 14.01
C ASP A 199 -25.15 5.84 13.66
N ILE A 200 -25.31 4.88 12.75
CA ILE A 200 -24.19 4.09 12.25
C ILE A 200 -24.10 4.25 10.73
N GLY A 201 -22.89 4.30 10.20
CA GLY A 201 -22.72 4.40 8.77
C GLY A 201 -21.62 5.36 8.36
N ASN A 202 -21.74 5.89 7.14
CA ASN A 202 -20.69 6.70 6.54
C ASN A 202 -20.93 8.20 6.65
N TYR A 203 -20.03 8.87 7.37
CA TYR A 203 -20.09 10.30 7.58
C TYR A 203 -19.07 11.00 6.68
N THR A 204 -19.55 11.89 5.82
CA THR A 204 -18.67 12.58 4.88
C THR A 204 -18.72 14.09 5.03
N CYS A 205 -17.57 14.69 5.29
CA CYS A 205 -17.47 16.15 5.41
C CYS A 205 -17.02 16.76 4.09
N GLU A 206 -17.52 17.96 3.79
CA GLU A 206 -17.20 18.62 2.53
C GLU A 206 -16.62 20.02 2.73
N LEU A 207 -15.60 20.34 1.96
CA LEU A 207 -15.01 21.67 1.99
C LEU A 207 -14.94 22.27 0.59
N LYS A 208 -15.15 23.58 0.49
CA LYS A 208 -15.07 24.29 -0.79
C LYS A 208 -13.73 25.02 -0.89
N TYR A 209 -12.97 24.74 -1.95
CA TYR A 209 -11.68 25.38 -2.15
C TYR A 209 -11.52 25.96 -3.55
N GLY A 210 -12.00 27.20 -3.73
CA GLY A 210 -11.86 27.90 -4.99
C GLY A 210 -12.51 27.21 -6.18
N GLY A 211 -13.80 26.89 -6.04
CA GLY A 211 -14.54 26.23 -7.10
C GLY A 211 -14.27 24.74 -7.14
N PHE A 212 -13.65 24.24 -6.08
CA PHE A 212 -13.38 22.81 -5.95
C PHE A 212 -13.97 22.26 -4.65
N VAL A 213 -14.24 20.96 -4.64
CA VAL A 213 -14.80 20.32 -3.45
C VAL A 213 -13.82 19.33 -2.83
N VAL A 214 -13.71 19.36 -1.51
CA VAL A 214 -12.88 18.42 -0.79
C VAL A 214 -13.73 17.52 0.09
N ARG A 215 -13.76 16.23 -0.23
CA ARG A 215 -14.58 15.29 0.51
C ARG A 215 -13.75 14.28 1.29
N ARG A 216 -13.97 14.22 2.60
CA ARG A 216 -13.35 13.22 3.45
C ARG A 216 -14.43 12.42 4.15
N THR A 217 -14.51 11.13 3.84
CA THR A 217 -15.59 10.29 4.33
C THR A 217 -15.12 9.22 5.31
N THR A 218 -15.80 9.12 6.44
CA THR A 218 -15.47 8.12 7.44
C THR A 218 -16.68 7.25 7.75
N GLU A 219 -16.43 5.99 8.09
CA GLU A 219 -17.52 5.05 8.42
C GLU A 219 -17.50 4.71 9.91
N LEU A 220 -18.67 4.79 10.53
CA LEU A 220 -18.80 4.52 11.96
C LEU A 220 -19.44 3.16 12.21
N THR A 221 -18.84 2.40 13.12
CA THR A 221 -19.43 1.13 13.57
C THR A 221 -19.58 1.17 15.09
N VAL A 222 -20.81 0.93 15.56
CA VAL A 222 -21.08 0.99 16.98
C VAL A 222 -21.00 -0.40 17.61
N THR A 223 -20.43 -0.47 18.81
CA THR A 223 -20.32 -1.73 19.52
C THR A 223 -20.87 -1.60 20.94
N ALA A 224 -21.19 -2.74 21.56
CA ALA A 224 -21.67 -2.77 22.93
C ALA A 224 -20.60 -2.26 23.89
N PRO A 225 -21.02 -1.62 24.99
CA PRO A 225 -20.08 -1.08 25.97
C PRO A 225 -19.27 -2.18 26.65
N LEU A 226 -18.21 -1.79 27.37
CA LEU A 226 -17.35 -2.77 28.05
C LEU A 226 -18.16 -3.65 28.99
N THR A 227 -17.77 -4.91 29.09
CA THR A 227 -18.56 -5.92 29.79
C THR A 227 -18.83 -5.58 31.24
N ASP A 228 -17.77 -5.32 31.99
CA ASP A 228 -17.79 -5.10 33.45
C ASP A 228 -18.13 -6.41 34.17
N LYS A 229 -18.36 -7.47 33.39
CA LYS A 229 -18.69 -8.78 33.93
C LYS A 229 -17.95 -9.88 33.17
N PRO A 230 -17.47 -10.91 33.89
CA PRO A 230 -16.82 -12.06 33.24
C PRO A 230 -17.80 -12.84 32.38
N PRO A 231 -17.30 -13.68 31.46
CA PRO A 231 -18.19 -14.36 30.51
C PRO A 231 -19.06 -15.42 31.18
N LYS A 232 -20.10 -15.87 30.48
CA LYS A 232 -21.04 -16.85 31.02
C LYS A 232 -20.90 -18.20 30.33
N LEU A 233 -20.86 -19.25 31.12
CA LEU A 233 -20.85 -20.62 30.59
C LEU A 233 -22.25 -21.07 30.20
N LEU A 234 -22.39 -21.60 29.00
CA LEU A 234 -23.66 -22.11 28.52
C LEU A 234 -23.67 -23.64 28.51
N TYR A 235 -22.60 -24.21 27.96
CA TYR A 235 -22.44 -25.65 27.88
C TYR A 235 -20.99 -26.04 28.13
N PRO A 236 -20.71 -26.75 29.23
CA PRO A 236 -21.63 -27.11 30.31
C PRO A 236 -21.88 -25.94 31.26
N MET A 237 -22.92 -26.04 32.08
CA MET A 237 -23.20 -25.03 33.09
C MET A 237 -22.24 -25.13 34.26
N GLU A 238 -22.07 -24.04 34.99
CA GLU A 238 -21.06 -23.93 36.04
C GLU A 238 -21.22 -24.93 37.17
N SER A 239 -22.46 -25.23 37.53
CA SER A 239 -22.72 -26.15 38.64
C SER A 239 -23.80 -27.17 38.32
N LYS A 240 -23.51 -28.05 37.36
CA LYS A 240 -24.40 -29.16 37.05
C LYS A 240 -23.60 -30.46 36.94
N LEU A 241 -22.32 -30.32 36.61
CA LEU A 241 -21.41 -31.44 36.44
C LEU A 241 -22.03 -32.41 35.44
N THR A 242 -22.05 -32.03 34.17
CA THR A 242 -22.63 -32.87 33.12
C THR A 242 -21.82 -34.14 32.94
N VAL A 243 -22.48 -35.19 32.46
CA VAL A 243 -21.83 -36.49 32.30
C VAL A 243 -21.88 -36.98 30.86
N GLN A 244 -20.75 -37.48 30.37
CA GLN A 244 -20.70 -38.08 29.05
C GLN A 244 -20.29 -39.54 29.15
N GLU A 245 -21.04 -40.39 28.47
CA GLU A 245 -20.79 -41.83 28.52
C GLU A 245 -20.13 -42.30 27.24
N THR A 246 -19.00 -42.98 27.39
CA THR A 246 -18.28 -43.53 26.25
C THR A 246 -17.77 -44.93 26.58
N GLN A 247 -17.75 -45.80 25.58
CA GLN A 247 -17.25 -47.16 25.74
C GLN A 247 -15.76 -47.21 25.39
N LEU A 248 -15.05 -48.19 25.94
CA LEU A 248 -13.62 -48.33 25.70
C LEU A 248 -13.35 -48.60 24.22
N GLY A 249 -12.31 -47.96 23.69
CA GLY A 249 -12.02 -48.04 22.27
C GLY A 249 -13.02 -47.23 21.46
N GLY A 250 -13.65 -46.25 22.10
CA GLY A 250 -14.67 -45.44 21.46
C GLY A 250 -14.21 -44.03 21.16
N SER A 251 -15.12 -43.21 20.67
CA SER A 251 -14.82 -41.80 20.36
C SER A 251 -15.54 -40.84 21.31
N ALA A 252 -14.81 -39.86 21.82
CA ALA A 252 -15.37 -38.89 22.74
C ALA A 252 -15.34 -37.46 22.18
N ASN A 253 -16.50 -36.81 22.19
CA ASN A 253 -16.61 -35.42 21.77
C ASN A 253 -17.14 -34.58 22.94
N LEU A 254 -16.26 -33.75 23.49
CA LEU A 254 -16.64 -32.84 24.57
C LEU A 254 -16.59 -31.40 24.08
N THR A 255 -17.75 -30.78 23.95
CA THR A 255 -17.83 -29.46 23.34
C THR A 255 -18.26 -28.38 24.33
N CYS A 256 -17.33 -27.48 24.66
CA CYS A 256 -17.65 -26.35 25.51
C CYS A 256 -18.37 -25.27 24.73
N ARG A 257 -19.14 -24.44 25.44
CA ARG A 257 -19.82 -23.31 24.84
C ARG A 257 -19.97 -22.17 25.84
N ALA A 258 -19.65 -20.96 25.40
CA ALA A 258 -19.68 -19.80 26.30
C ALA A 258 -20.06 -18.51 25.56
N PHE A 259 -20.42 -17.50 26.33
CA PHE A 259 -20.74 -16.18 25.77
C PHE A 259 -19.71 -15.14 26.17
N PHE A 260 -19.07 -14.53 25.19
CA PHE A 260 -18.08 -13.49 25.44
C PHE A 260 -18.59 -12.13 24.98
N GLY A 261 -18.84 -11.24 25.94
CA GLY A 261 -19.22 -9.88 25.61
C GLY A 261 -18.00 -9.11 25.14
N TYR A 262 -18.23 -7.94 24.54
CA TYR A 262 -17.13 -7.15 24.01
C TYR A 262 -16.17 -6.69 25.10
N SER A 263 -14.87 -6.87 24.85
CA SER A 263 -13.85 -6.52 25.81
C SER A 263 -12.50 -6.30 25.13
N VAL A 266 -9.06 -8.48 20.78
CA VAL A 266 -8.47 -9.70 21.33
C VAL A 266 -9.38 -10.92 21.08
N SER A 267 -8.76 -12.07 20.90
CA SER A 267 -9.49 -13.32 20.74
C SER A 267 -10.02 -13.82 22.09
N PRO A 268 -11.18 -14.49 22.07
CA PRO A 268 -11.75 -15.06 23.29
C PRO A 268 -10.86 -16.11 23.92
N LEU A 269 -10.66 -16.05 25.24
CA LEU A 269 -9.85 -17.04 25.92
C LEU A 269 -10.74 -18.14 26.49
N ILE A 270 -10.85 -19.24 25.75
CA ILE A 270 -11.61 -20.39 26.19
C ILE A 270 -10.84 -21.67 25.88
N TYR A 271 -10.69 -22.53 26.87
CA TYR A 271 -9.85 -23.71 26.73
C TYR A 271 -10.25 -24.83 27.69
N TRP A 272 -9.83 -26.05 27.35
CA TRP A 272 -10.14 -27.23 28.14
C TRP A 272 -8.97 -27.63 29.02
N MET A 273 -9.27 -28.17 30.20
CA MET A 273 -8.24 -28.71 31.06
C MET A 273 -8.70 -30.02 31.71
N LYS A 274 -7.77 -30.94 31.89
CA LYS A 274 -8.05 -32.18 32.62
C LYS A 274 -7.29 -32.17 33.94
N GLY A 275 -7.98 -31.77 35.01
CA GLY A 275 -7.34 -31.58 36.29
C GLY A 275 -6.28 -30.50 36.23
N GLU A 276 -5.09 -30.83 36.70
CA GLU A 276 -3.96 -29.90 36.65
C GLU A 276 -3.34 -29.84 35.24
N LYS A 277 -3.42 -30.94 34.51
CA LYS A 277 -2.77 -31.07 33.20
C LYS A 277 -3.53 -30.35 32.09
N PHE A 278 -2.81 -29.60 31.26
CA PHE A 278 -3.39 -28.97 30.09
C PHE A 278 -3.51 -30.00 28.97
N ILE A 279 -4.27 -29.65 27.92
CA ILE A 279 -4.50 -30.57 26.81
C ILE A 279 -3.19 -30.97 26.14
N GLU A 280 -2.26 -30.02 26.07
CA GLU A 280 -0.95 -30.25 25.46
C GLU A 280 -0.11 -31.26 26.24
N ASP A 281 -0.33 -31.35 27.55
CA ASP A 281 0.48 -32.21 28.41
C ASP A 281 0.23 -33.71 28.16
N LEU A 282 -1.04 -34.11 28.13
CA LEU A 282 -1.37 -35.52 27.99
C LEU A 282 -0.97 -35.97 26.58
N ASP A 283 -1.07 -35.04 25.64
CA ASP A 283 -0.54 -35.14 24.28
C ASP A 283 -0.57 -36.52 23.65
N GLU A 284 -1.68 -37.23 23.82
CA GLU A 284 -1.85 -38.48 23.12
C GLU A 284 -2.05 -38.12 21.65
N ASN A 285 -1.74 -39.04 20.75
CA ASN A 285 -2.02 -38.84 19.33
C ASN A 285 -3.53 -38.94 19.16
N ARG A 286 -4.14 -39.54 20.18
CA ARG A 286 -5.56 -39.85 20.21
C ARG A 286 -6.41 -38.69 20.70
N VAL A 287 -5.88 -37.85 21.59
CA VAL A 287 -6.68 -36.75 22.13
C VAL A 287 -6.11 -35.41 21.67
N TRP A 288 -6.99 -34.59 21.10
CA TRP A 288 -6.62 -33.28 20.57
C TRP A 288 -7.74 -32.25 20.75
N GLU A 289 -7.38 -30.98 20.64
CA GLU A 289 -8.35 -29.90 20.80
C GLU A 289 -8.68 -29.27 19.44
N SER A 290 -9.96 -29.00 19.23
CA SER A 290 -10.41 -28.38 17.98
C SER A 290 -10.15 -26.88 17.98
N ASP A 291 -10.27 -26.27 16.82
CA ASP A 291 -10.14 -24.82 16.70
C ASP A 291 -11.43 -24.13 17.15
N ILE A 292 -11.31 -22.92 17.68
CA ILE A 292 -12.47 -22.18 18.16
C ILE A 292 -13.41 -21.81 17.02
N ARG A 293 -14.71 -21.96 17.26
CA ARG A 293 -15.72 -21.64 16.25
C ARG A 293 -16.55 -20.43 16.68
N ILE A 294 -16.97 -19.62 15.71
CA ILE A 294 -17.79 -18.46 15.99
C ILE A 294 -19.26 -18.73 15.67
N LEU A 295 -20.03 -19.06 16.71
CA LEU A 295 -21.46 -19.34 16.54
C LEU A 295 -22.28 -18.08 16.28
N LYS A 296 -21.92 -16.97 16.92
CA LYS A 296 -22.65 -15.72 16.73
C LYS A 296 -21.79 -14.48 16.94
N GLU A 297 -22.23 -13.38 16.33
CA GLU A 297 -21.63 -12.07 16.55
C GLU A 297 -22.70 -10.99 16.52
N HIS A 298 -22.76 -10.19 17.58
CA HIS A 298 -23.62 -9.01 17.59
C HIS A 298 -23.05 -7.90 18.46
N LEU A 299 -22.78 -6.75 17.84
CA LEU A 299 -22.30 -5.56 18.54
C LEU A 299 -21.02 -5.82 19.34
N GLY A 300 -20.14 -6.66 18.80
CA GLY A 300 -18.88 -6.93 19.46
C GLY A 300 -18.95 -8.08 20.45
N GLU A 301 -20.16 -8.60 20.65
CA GLU A 301 -20.37 -9.71 21.57
C GLU A 301 -20.30 -11.04 20.83
N GLN A 302 -19.56 -11.99 21.39
CA GLN A 302 -19.34 -13.28 20.74
C GLN A 302 -19.84 -14.43 21.59
N GLU A 303 -20.26 -15.50 20.93
CA GLU A 303 -20.63 -16.73 21.63
C GLU A 303 -19.87 -17.90 21.02
N VAL A 304 -18.59 -18.03 21.38
CA VAL A 304 -17.72 -19.02 20.77
C VAL A 304 -17.88 -20.38 21.41
N SER A 305 -17.47 -21.42 20.69
CA SER A 305 -17.49 -22.79 21.21
C SER A 305 -16.25 -23.55 20.77
N ILE A 306 -15.70 -24.33 21.70
CA ILE A 306 -14.54 -25.17 21.40
C ILE A 306 -14.82 -26.59 21.89
N SER A 307 -14.23 -27.57 21.20
CA SER A 307 -14.52 -28.97 21.51
C SER A 307 -13.27 -29.77 21.83
N LEU A 308 -13.41 -30.72 22.74
CA LEU A 308 -12.33 -31.61 23.12
C LEU A 308 -12.62 -33.00 22.53
N ILE A 309 -11.67 -33.52 21.77
CA ILE A 309 -11.87 -34.79 21.08
C ILE A 309 -10.90 -35.86 21.55
N VAL A 310 -11.44 -37.03 21.91
CA VAL A 310 -10.62 -38.17 22.29
C VAL A 310 -10.95 -39.37 21.42
N ASP A 311 -9.91 -40.02 20.89
CA ASP A 311 -10.09 -41.21 20.05
C ASP A 311 -9.46 -42.41 20.73
N SER A 312 -10.03 -43.60 20.48
CA SER A 312 -9.55 -44.84 21.10
C SER A 312 -9.43 -44.68 22.62
N VAL A 313 -10.54 -44.31 23.25
CA VAL A 313 -10.58 -44.01 24.68
C VAL A 313 -10.10 -45.19 25.53
N GLU A 314 -9.29 -44.88 26.53
CA GLU A 314 -8.79 -45.90 27.45
C GLU A 314 -9.14 -45.51 28.87
N GLU A 315 -8.84 -46.40 29.82
CA GLU A 315 -9.22 -46.20 31.21
C GLU A 315 -8.65 -44.90 31.78
N GLY A 316 -7.44 -44.55 31.36
CA GLY A 316 -6.78 -43.34 31.82
C GLY A 316 -7.48 -42.07 31.38
N ASP A 317 -8.07 -42.10 30.18
CA ASP A 317 -8.74 -40.93 29.63
C ASP A 317 -9.99 -40.56 30.44
N LEU A 318 -10.62 -41.56 31.04
CA LEU A 318 -11.80 -41.33 31.86
C LEU A 318 -11.45 -40.50 33.09
N GLY A 319 -12.33 -39.54 33.40
CA GLY A 319 -12.08 -38.64 34.51
C GLY A 319 -12.90 -37.37 34.39
N ASN A 320 -12.48 -36.34 35.11
CA ASN A 320 -13.19 -35.06 35.10
C ASN A 320 -12.50 -34.01 34.24
N TYR A 321 -13.19 -33.55 33.20
CA TYR A 321 -12.67 -32.52 32.32
C TYR A 321 -13.34 -31.18 32.61
N SER A 322 -12.56 -30.11 32.60
CA SER A 322 -13.09 -28.79 32.91
C SER A 322 -12.84 -27.80 31.78
N CYS A 323 -13.87 -27.08 31.39
CA CYS A 323 -13.74 -26.04 30.38
C CYS A 323 -13.58 -24.67 31.03
N TYR A 324 -12.43 -24.05 30.79
CA TYR A 324 -12.13 -22.76 31.41
C TYR A 324 -12.42 -21.59 30.47
N VAL A 325 -13.10 -20.59 31.01
CA VAL A 325 -13.49 -19.41 30.25
C VAL A 325 -13.04 -18.16 31.01
N GLU A 326 -12.34 -17.26 30.33
CA GLU A 326 -11.65 -16.17 31.00
C GLU A 326 -11.70 -14.86 30.21
N ASN A 327 -11.62 -13.74 30.94
CA ASN A 327 -11.53 -12.43 30.33
C ASN A 327 -10.87 -11.45 31.29
N GLY A 328 -11.02 -10.15 31.01
CA GLY A 328 -10.39 -9.11 31.81
C GLY A 328 -10.77 -9.08 33.28
N ASN A 329 -12.05 -9.31 33.58
CA ASN A 329 -12.55 -9.14 34.94
C ASN A 329 -12.78 -10.43 35.73
N GLY A 330 -12.64 -11.58 35.09
CA GLY A 330 -12.89 -12.83 35.79
C GLY A 330 -12.55 -14.11 35.05
N ARG A 331 -12.46 -15.20 35.82
CA ARG A 331 -12.27 -16.53 35.26
C ARG A 331 -13.34 -17.50 35.77
N ARG A 332 -14.15 -18.03 34.87
CA ARG A 332 -15.18 -18.99 35.23
C ARG A 332 -14.87 -20.34 34.59
N HIS A 333 -15.42 -21.42 35.16
CA HIS A 333 -15.22 -22.75 34.60
C HIS A 333 -16.35 -23.70 34.95
N ALA A 334 -16.52 -24.73 34.13
CA ALA A 334 -17.51 -25.78 34.36
C ALA A 334 -16.87 -27.14 34.14
N SER A 335 -17.49 -28.19 34.66
CA SER A 335 -16.87 -29.51 34.62
C SER A 335 -17.71 -30.55 33.88
N VAL A 336 -17.02 -31.53 33.29
CA VAL A 336 -17.66 -32.63 32.60
C VAL A 336 -17.05 -33.95 33.07
N LEU A 337 -17.90 -34.94 33.34
CA LEU A 337 -17.42 -36.25 33.78
C LEU A 337 -17.50 -37.26 32.65
N LEU A 338 -16.39 -37.94 32.39
CA LEU A 338 -16.37 -38.98 31.37
C LEU A 338 -16.48 -40.35 32.05
N HIS A 339 -17.51 -41.10 31.71
CA HIS A 339 -17.84 -42.33 32.41
C HIS A 339 -18.04 -43.48 31.41
N LYS A 340 -18.36 -44.66 31.94
CA LYS A 340 -18.56 -45.87 31.13
C LYS A 340 -17.26 -46.32 30.47
N CYS B 20 -3.05 -9.14 23.06
CA CYS B 20 -1.93 -9.92 22.55
C CYS B 20 -0.99 -9.02 21.74
N THR B 21 0.26 -9.46 21.58
CA THR B 21 1.28 -8.66 20.88
C THR B 21 0.88 -8.37 19.44
N ASP B 22 1.09 -7.13 19.02
CA ASP B 22 0.61 -6.66 17.72
C ASP B 22 1.77 -6.03 16.93
N TRP B 23 1.71 -6.15 15.61
CA TRP B 23 2.71 -5.51 14.75
C TRP B 23 2.04 -4.52 13.79
N ASP B 26 1.28 -5.99 7.89
CA ASP B 26 2.34 -6.83 7.32
C ASP B 26 2.72 -6.33 5.94
N ILE B 27 4.00 -6.41 5.62
CA ILE B 27 4.53 -5.94 4.34
C ILE B 27 3.94 -6.69 3.15
N LYS B 28 3.73 -8.00 3.31
CA LYS B 28 3.15 -8.81 2.24
C LYS B 28 1.72 -8.37 1.96
N LYS B 29 1.43 -8.06 0.70
CA LYS B 29 0.10 -7.61 0.30
C LYS B 29 -0.40 -8.41 -0.89
N TYR B 30 -1.71 -8.65 -0.94
CA TYR B 30 -2.29 -9.49 -1.97
C TYR B 30 -3.21 -8.73 -2.91
N GLN B 31 -2.95 -8.84 -4.21
CA GLN B 31 -3.81 -8.27 -5.23
C GLN B 31 -4.28 -9.37 -6.18
N VAL B 32 -5.59 -9.54 -6.29
CA VAL B 32 -6.13 -10.61 -7.12
C VAL B 32 -7.42 -10.16 -7.81
N LEU B 33 -7.66 -10.72 -9.00
CA LEU B 33 -8.89 -10.45 -9.73
C LEU B 33 -10.04 -11.31 -9.20
N VAL B 34 -11.23 -10.73 -9.17
CA VAL B 34 -12.40 -11.46 -8.71
C VAL B 34 -12.68 -12.66 -9.62
N GLY B 35 -12.82 -13.83 -9.03
CA GLY B 35 -13.01 -15.06 -9.78
C GLY B 35 -11.72 -15.86 -9.93
N GLU B 36 -10.69 -15.49 -9.17
CA GLU B 36 -9.43 -16.22 -9.19
C GLU B 36 -9.09 -16.76 -7.80
N PRO B 37 -8.48 -17.96 -7.76
CA PRO B 37 -8.14 -18.59 -6.48
C PRO B 37 -6.99 -17.88 -5.77
N VAL B 38 -7.11 -17.71 -4.45
CA VAL B 38 -6.06 -17.08 -3.66
C VAL B 38 -5.74 -17.89 -2.41
N ARG B 39 -4.52 -17.76 -1.91
CA ARG B 39 -4.14 -18.36 -0.65
C ARG B 39 -3.48 -17.32 0.25
N ILE B 40 -4.19 -16.91 1.30
CA ILE B 40 -3.65 -15.94 2.25
C ILE B 40 -2.99 -16.65 3.42
N LYS B 41 -1.73 -16.31 3.68
CA LYS B 41 -0.99 -16.98 4.75
C LYS B 41 -0.78 -16.11 5.98
N CYS B 42 -0.98 -16.69 7.15
CA CYS B 42 -0.60 -16.05 8.40
C CYS B 42 0.93 -16.02 8.40
N ALA B 43 1.49 -14.80 8.44
CA ALA B 43 2.91 -14.60 8.24
C ALA B 43 3.80 -15.37 9.22
N LEU B 44 3.23 -15.71 10.37
CA LEU B 44 3.98 -16.43 11.40
C LEU B 44 4.42 -17.81 10.90
N LEU B 55 2.08 -27.98 13.32
CA LEU B 55 2.68 -28.25 14.61
C LEU B 55 2.00 -27.42 15.69
N ALA B 56 1.31 -26.36 15.28
CA ALA B 56 0.63 -25.47 16.20
C ALA B 56 -0.49 -26.19 16.93
N GLN B 57 -1.19 -27.07 16.22
CA GLN B 57 -2.27 -27.85 16.81
C GLN B 57 -1.74 -28.75 17.93
N SER B 58 -0.50 -29.23 17.75
CA SER B 58 0.15 -30.05 18.76
C SER B 58 0.45 -29.29 20.05
N ALA B 59 0.88 -28.03 19.92
CA ALA B 59 1.25 -27.23 21.09
C ALA B 59 0.06 -26.67 21.86
N GLY B 60 -1.14 -26.92 21.34
CA GLY B 60 -2.35 -26.49 22.02
C GLY B 60 -2.74 -25.08 21.66
N LEU B 61 -1.96 -24.48 20.75
CA LEU B 61 -2.26 -23.14 20.27
C LEU B 61 -3.52 -23.12 19.41
N SER B 62 -4.33 -22.09 19.58
CA SER B 62 -5.54 -21.95 18.79
C SER B 62 -5.40 -20.76 17.87
N LEU B 63 -5.77 -20.94 16.60
CA LEU B 63 -5.58 -19.91 15.60
C LEU B 63 -6.90 -19.27 15.20
N MET B 64 -6.91 -17.94 15.13
CA MET B 64 -8.10 -17.19 14.77
C MET B 64 -7.81 -16.15 13.70
N TRP B 65 -8.82 -15.80 12.91
CA TRP B 65 -8.69 -14.76 11.90
C TRP B 65 -9.71 -13.65 12.13
N TYR B 66 -9.37 -12.44 11.69
CA TYR B 66 -10.29 -11.31 11.77
C TYR B 66 -10.25 -10.49 10.49
N LYS B 67 -11.42 -10.03 10.04
CA LYS B 67 -11.50 -9.19 8.86
C LYS B 67 -11.90 -7.78 9.24
N SER B 68 -11.01 -6.83 8.99
CA SER B 68 -11.23 -5.44 9.39
C SER B 68 -11.69 -4.57 8.23
N SER B 69 -11.06 -4.77 7.07
CA SER B 69 -11.33 -4.02 5.83
C SER B 69 -10.85 -2.58 5.89
N GLY B 70 -10.29 -2.19 7.02
CA GLY B 70 -9.69 -0.87 7.16
C GLY B 70 -8.96 -0.68 8.47
N PRO B 71 -8.00 0.26 8.50
CA PRO B 71 -7.26 0.58 9.72
C PRO B 71 -8.12 1.31 10.75
N GLY B 72 -8.49 0.64 11.83
CA GLY B 72 -9.31 1.24 12.86
C GLY B 72 -10.71 0.66 12.94
N ASP B 73 -11.03 -0.27 12.05
CA ASP B 73 -12.36 -0.84 11.99
C ASP B 73 -12.61 -1.87 13.10
N PHE B 74 -13.80 -2.43 13.11
CA PHE B 74 -14.27 -3.30 14.18
C PHE B 74 -13.47 -4.60 14.33
N GLU B 75 -12.91 -5.07 13.22
CA GLU B 75 -12.19 -6.36 13.18
C GLU B 75 -13.15 -7.49 13.54
N GLU B 76 -14.14 -7.71 12.69
CA GLU B 76 -15.18 -8.71 12.91
C GLU B 76 -14.64 -10.14 12.85
N PRO B 77 -15.08 -10.98 13.81
CA PRO B 77 -14.75 -12.41 13.81
C PRO B 77 -15.44 -13.15 12.67
N ILE B 78 -14.67 -13.96 11.97
CA ILE B 78 -15.14 -14.69 10.79
C ILE B 78 -15.66 -16.09 11.10
N ALA B 79 -16.90 -16.36 10.73
CA ALA B 79 -17.43 -17.71 10.80
C ALA B 79 -17.32 -18.40 9.44
N PHE B 80 -16.39 -19.35 9.35
CA PHE B 80 -16.11 -20.01 8.07
C PHE B 80 -17.29 -20.77 7.49
N ASP B 81 -17.51 -20.56 6.19
CA ASP B 81 -18.43 -21.39 5.42
C ASP B 81 -17.58 -22.49 4.80
N GLY B 82 -18.15 -23.26 3.88
CA GLY B 82 -17.45 -24.39 3.32
C GLY B 82 -17.36 -24.32 1.80
N SER B 83 -18.19 -23.47 1.19
CA SER B 83 -18.14 -23.32 -0.26
C SER B 83 -16.96 -22.50 -0.79
N ARG B 84 -16.83 -21.26 -0.33
CA ARG B 84 -15.75 -20.41 -0.82
C ARG B 84 -14.55 -20.35 0.10
N MET B 85 -14.78 -19.87 1.33
CA MET B 85 -13.71 -19.63 2.30
C MET B 85 -13.40 -20.86 3.13
N SER B 86 -12.17 -21.36 2.99
CA SER B 86 -11.77 -22.58 3.68
C SER B 86 -10.61 -22.33 4.65
N LYS B 87 -10.78 -22.77 5.90
CA LYS B 87 -9.72 -22.70 6.88
C LYS B 87 -8.81 -23.92 6.73
N GLU B 88 -7.71 -23.75 6.00
CA GLU B 88 -6.78 -24.84 5.78
C GLU B 88 -5.39 -24.53 6.34
N GLU B 89 -5.05 -25.23 7.44
CA GLU B 89 -3.75 -25.11 8.08
C GLU B 89 -3.43 -23.68 8.50
N ASP B 90 -2.32 -23.15 7.99
CA ASP B 90 -1.87 -21.81 8.34
C ASP B 90 -2.38 -20.75 7.37
N SER B 91 -3.34 -21.14 6.52
CA SER B 91 -3.78 -20.26 5.45
C SER B 91 -5.30 -20.24 5.25
N ILE B 92 -5.77 -19.25 4.50
CA ILE B 92 -7.15 -19.20 4.06
C ILE B 92 -7.23 -19.31 2.55
N TRP B 93 -8.15 -20.15 2.05
CA TRP B 93 -8.30 -20.33 0.62
C TRP B 93 -9.60 -19.68 0.11
N PHE B 94 -9.49 -18.95 -0.98
CA PHE B 94 -10.65 -18.35 -1.64
C PHE B 94 -10.87 -18.98 -3.01
N ARG B 95 -11.99 -19.68 -3.19
CA ARG B 95 -12.30 -20.30 -4.48
C ARG B 95 -13.77 -20.15 -4.85
N PRO B 96 -14.10 -19.12 -5.62
CA PRO B 96 -13.21 -18.03 -6.04
C PRO B 96 -13.26 -16.87 -5.05
N THR B 97 -12.59 -15.77 -5.36
CA THR B 97 -12.69 -14.58 -4.54
C THR B 97 -13.81 -13.66 -5.01
N LEU B 98 -14.35 -12.87 -4.08
CA LEU B 98 -15.43 -11.94 -4.39
C LEU B 98 -15.02 -10.51 -4.03
N LEU B 99 -15.77 -9.54 -4.54
CA LEU B 99 -15.49 -8.13 -4.24
C LEU B 99 -15.63 -7.84 -2.76
N GLN B 100 -16.45 -8.64 -2.08
CA GLN B 100 -16.65 -8.50 -0.63
C GLN B 100 -15.37 -8.82 0.13
N ASP B 101 -14.57 -9.73 -0.40
CA ASP B 101 -13.39 -10.26 0.27
C ASP B 101 -12.31 -9.21 0.53
N SER B 102 -12.38 -8.08 -0.17
CA SER B 102 -11.38 -7.02 -0.04
C SER B 102 -11.32 -6.47 1.39
N GLY B 103 -10.14 -6.52 1.99
CA GLY B 103 -9.97 -6.01 3.34
C GLY B 103 -8.70 -6.42 4.05
N LEU B 104 -8.66 -6.15 5.36
CA LEU B 104 -7.53 -6.52 6.19
C LEU B 104 -7.82 -7.81 6.95
N TYR B 105 -6.94 -8.79 6.80
CA TYR B 105 -7.10 -10.07 7.47
C TYR B 105 -6.05 -10.24 8.55
N ALA B 106 -6.50 -10.44 9.79
CA ALA B 106 -5.59 -10.56 10.92
C ALA B 106 -5.59 -11.98 11.46
N CYS B 107 -4.42 -12.61 11.47
CA CYS B 107 -4.30 -13.98 11.96
C CYS B 107 -3.78 -13.99 13.39
N VAL B 108 -4.55 -14.58 14.29
CA VAL B 108 -4.22 -14.57 15.70
C VAL B 108 -4.01 -15.98 16.26
N ILE B 109 -2.96 -16.17 17.04
CA ILE B 109 -2.72 -17.45 17.69
C ILE B 109 -2.89 -17.30 19.20
N ARG B 110 -3.74 -18.13 19.80
CA ARG B 110 -4.07 -17.98 21.21
C ARG B 110 -3.68 -19.15 22.10
N ASN B 111 -3.23 -18.84 23.31
CA ASN B 111 -2.87 -19.83 24.32
C ASN B 111 -3.28 -19.35 25.69
N SER B 112 -3.04 -20.17 26.71
CA SER B 112 -3.29 -19.77 28.09
C SER B 112 -2.38 -18.61 28.49
N THR B 113 -1.14 -18.65 28.03
CA THR B 113 -0.16 -17.64 28.40
C THR B 113 0.53 -17.01 27.19
N TYR B 114 0.18 -17.47 25.99
CA TYR B 114 0.90 -17.06 24.79
C TYR B 114 -0.06 -16.54 23.71
N CYS B 115 0.29 -15.42 23.09
CA CYS B 115 -0.48 -14.93 21.96
C CYS B 115 0.37 -14.17 20.94
N MET B 116 0.03 -14.32 19.67
CA MET B 116 0.65 -13.56 18.59
C MET B 116 -0.37 -13.30 17.49
N LYS B 117 -0.31 -12.13 16.87
CA LYS B 117 -1.22 -11.80 15.78
C LYS B 117 -0.56 -10.92 14.71
N VAL B 118 -0.99 -11.08 13.47
CA VAL B 118 -0.48 -10.25 12.38
C VAL B 118 -1.60 -9.98 11.36
N SER B 119 -1.53 -8.82 10.69
CA SER B 119 -2.60 -8.41 9.78
C SER B 119 -2.14 -8.41 8.33
N ILE B 120 -2.96 -9.01 7.46
CA ILE B 120 -2.64 -9.11 6.04
C ILE B 120 -3.62 -8.32 5.20
N SER B 121 -3.11 -7.61 4.19
CA SER B 121 -3.95 -6.79 3.33
C SER B 121 -4.29 -7.51 2.03
N LEU B 122 -5.58 -7.70 1.78
CA LEU B 122 -6.05 -8.31 0.53
C LEU B 122 -6.93 -7.35 -0.24
N THR B 123 -6.54 -7.06 -1.49
CA THR B 123 -7.32 -6.18 -2.34
C THR B 123 -7.86 -6.93 -3.54
N VAL B 124 -9.17 -6.94 -3.69
CA VAL B 124 -9.79 -7.64 -4.81
C VAL B 124 -10.45 -6.63 -5.75
N GLY B 125 -10.11 -6.73 -7.02
CA GLY B 125 -10.61 -5.81 -8.03
C GLY B 125 -11.07 -6.58 -9.25
N GLU B 126 -11.79 -5.90 -10.14
CA GLU B 126 -12.29 -6.54 -11.34
C GLU B 126 -11.58 -5.99 -12.56
N ASN B 127 -11.38 -6.85 -13.55
CA ASN B 127 -10.80 -6.43 -14.82
C ASN B 127 -11.72 -5.39 -15.45
N ASP B 128 -11.16 -4.32 -15.99
CA ASP B 128 -11.96 -3.15 -16.35
C ASP B 128 -12.33 -3.07 -17.83
N THR B 129 -13.63 -3.24 -18.09
CA THR B 129 -14.23 -2.95 -19.39
C THR B 129 -13.58 -3.68 -20.57
N GLY B 130 -13.86 -4.97 -20.69
CA GLY B 130 -13.44 -5.74 -21.85
C GLY B 130 -11.99 -6.20 -21.80
N LEU B 131 -11.27 -5.80 -20.77
CA LEU B 131 -9.88 -6.20 -20.61
C LEU B 131 -9.78 -7.44 -19.72
N CYS B 132 -8.68 -8.16 -19.88
CA CYS B 132 -8.44 -9.38 -19.12
C CYS B 132 -7.84 -9.10 -17.75
N TYR B 133 -7.33 -7.89 -17.56
CA TYR B 133 -6.64 -7.53 -16.32
C TYR B 133 -7.18 -6.25 -15.69
N ASN B 134 -6.64 -5.91 -14.52
CA ASN B 134 -6.93 -4.66 -13.84
C ASN B 134 -5.79 -3.66 -13.98
N SER B 135 -6.14 -2.42 -14.32
CA SER B 135 -5.14 -1.39 -14.59
C SER B 135 -4.24 -1.10 -13.39
N LYS B 136 -4.84 -1.00 -12.21
CA LYS B 136 -4.09 -0.70 -10.99
C LYS B 136 -3.23 -1.89 -10.56
N MET B 137 -3.70 -3.10 -10.87
CA MET B 137 -3.02 -4.32 -10.46
C MET B 137 -2.28 -5.00 -11.61
N LYS B 138 -1.00 -4.65 -11.78
CA LYS B 138 -0.16 -5.31 -12.77
C LYS B 138 1.32 -5.05 -12.53
N TYR B 139 2.17 -5.88 -13.14
CA TYR B 139 3.61 -5.77 -13.00
C TYR B 139 4.17 -4.85 -14.08
N PHE B 140 5.41 -4.40 -13.91
CA PHE B 140 6.05 -3.55 -14.90
C PHE B 140 7.47 -4.00 -15.20
N GLU B 141 7.90 -3.82 -16.45
CA GLU B 141 9.24 -4.19 -16.88
C GLU B 141 9.78 -3.21 -17.91
N LYS B 142 11.09 -3.18 -18.07
CA LYS B 142 11.75 -2.35 -19.07
C LYS B 142 12.76 -3.16 -19.90
N ALA B 143 12.85 -2.85 -21.19
CA ALA B 143 13.75 -3.58 -22.07
C ALA B 143 14.54 -2.66 -22.99
N GLU B 144 15.67 -3.17 -23.48
CA GLU B 144 16.53 -2.44 -24.39
C GLU B 144 16.36 -2.96 -25.82
N LEU B 145 16.29 -2.04 -26.79
CA LEU B 145 16.10 -2.41 -28.18
C LEU B 145 17.26 -3.28 -28.68
N SER B 146 16.92 -4.29 -29.48
CA SER B 146 17.89 -5.19 -30.08
C SER B 146 18.64 -5.99 -29.02
N LYS B 147 18.02 -6.16 -27.86
CA LYS B 147 18.61 -6.91 -26.77
C LYS B 147 17.66 -7.97 -26.22
N SER B 148 18.21 -8.96 -25.53
CA SER B 148 17.42 -10.03 -24.96
C SER B 148 16.62 -9.53 -23.76
N LYS B 149 15.42 -10.06 -23.60
CA LYS B 149 14.59 -9.71 -22.45
C LYS B 149 13.72 -10.89 -22.05
N GLU B 150 13.67 -11.16 -20.74
CA GLU B 150 12.90 -12.29 -20.22
C GLU B 150 11.70 -11.82 -19.39
N ILE B 151 10.52 -12.35 -19.71
CA ILE B 151 9.31 -12.05 -18.96
C ILE B 151 8.83 -13.30 -18.22
N SER B 152 8.63 -13.19 -16.92
CA SER B 152 8.28 -14.36 -16.11
C SER B 152 6.90 -14.25 -15.49
N CYS B 153 6.27 -15.40 -15.25
CA CYS B 153 5.00 -15.47 -14.54
C CYS B 153 5.24 -15.50 -13.04
N ARG B 154 5.12 -14.35 -12.39
CA ARG B 154 5.56 -14.18 -11.01
C ARG B 154 4.47 -14.57 -10.01
N ASP B 155 4.90 -15.04 -8.83
CA ASP B 155 4.00 -15.39 -7.73
C ASP B 155 2.96 -16.45 -8.14
N ILE B 156 3.44 -17.52 -8.78
CA ILE B 156 2.58 -18.61 -9.21
C ILE B 156 2.87 -19.90 -8.42
N GLU B 157 3.65 -19.77 -7.35
CA GLU B 157 4.10 -20.91 -6.56
C GLU B 157 2.99 -21.72 -5.88
N ASP B 158 1.93 -21.06 -5.42
CA ASP B 158 0.91 -21.72 -4.61
C ASP B 158 -0.03 -22.62 -5.40
N PHE B 159 0.12 -22.63 -6.72
CA PHE B 159 -0.73 -23.45 -7.57
C PHE B 159 0.05 -24.50 -8.36
N LEU B 160 1.24 -24.84 -7.88
CA LEU B 160 2.10 -25.78 -8.59
C LEU B 160 2.07 -27.18 -7.99
N LEU B 161 1.69 -28.15 -8.83
CA LEU B 161 1.64 -29.55 -8.42
C LEU B 161 1.65 -30.45 -9.67
N PRO B 162 2.17 -31.69 -9.54
CA PRO B 162 2.71 -32.34 -8.34
C PRO B 162 4.08 -31.83 -7.92
N THR B 163 4.95 -31.54 -8.88
CA THR B 163 6.30 -31.06 -8.59
C THR B 163 6.61 -29.76 -9.32
N PRO B 166 1.87 -28.53 -15.29
CA PRO B 166 2.11 -27.08 -15.24
C PRO B 166 2.05 -26.44 -16.62
N GLU B 167 0.90 -25.86 -16.98
CA GLU B 167 0.73 -25.23 -18.28
C GLU B 167 0.47 -23.74 -18.14
N ILE B 168 1.05 -22.95 -19.05
CA ILE B 168 0.85 -21.51 -19.03
C ILE B 168 0.59 -20.99 -20.45
N LEU B 169 -0.28 -19.98 -20.56
CA LEU B 169 -0.57 -19.36 -21.84
C LEU B 169 -0.38 -17.85 -21.73
N TRP B 170 0.22 -17.25 -22.76
CA TRP B 170 0.54 -15.84 -22.74
C TRP B 170 -0.35 -15.05 -23.70
N TYR B 171 -0.75 -13.86 -23.27
CA TYR B 171 -1.61 -13.01 -24.07
C TYR B 171 -0.94 -11.67 -24.36
N LYS B 172 -1.22 -11.10 -25.52
CA LYS B 172 -0.72 -9.78 -25.85
C LYS B 172 -1.89 -8.85 -26.09
N GLU B 173 -1.99 -7.80 -25.28
CA GLU B 173 -3.12 -6.88 -25.32
C GLU B 173 -4.44 -7.62 -25.11
N CYS B 174 -4.43 -8.56 -24.16
CA CYS B 174 -5.61 -9.36 -23.82
C CYS B 174 -6.15 -10.16 -25.01
N ARG B 175 -5.25 -10.57 -25.90
CA ARG B 175 -5.64 -11.37 -27.04
C ARG B 175 -4.60 -12.45 -27.35
N THR B 176 -5.08 -13.59 -27.82
CA THR B 176 -4.19 -14.68 -28.22
C THR B 176 -3.45 -14.30 -29.49
N LYS B 177 -2.17 -14.63 -29.55
CA LYS B 177 -1.32 -14.27 -30.68
C LYS B 177 -0.53 -15.46 -31.19
N ALA B 178 -0.17 -15.42 -32.47
CA ALA B 178 0.79 -16.37 -33.02
C ALA B 178 2.17 -15.75 -32.85
N TRP B 179 3.02 -16.41 -32.08
CA TRP B 179 4.27 -15.81 -31.66
C TRP B 179 5.42 -16.16 -32.60
N ARG B 180 6.25 -15.17 -32.90
CA ARG B 180 7.37 -15.36 -33.80
C ARG B 180 8.38 -16.33 -33.21
N PRO B 181 9.15 -17.02 -34.06
CA PRO B 181 10.20 -17.94 -33.60
C PRO B 181 11.29 -17.23 -32.79
N SER B 182 11.35 -15.91 -32.91
CA SER B 182 12.27 -15.10 -32.13
C SER B 182 11.92 -15.14 -30.65
N ILE B 183 10.63 -15.27 -30.36
CA ILE B 183 10.16 -15.38 -28.98
C ILE B 183 10.02 -16.85 -28.58
N VAL B 184 10.63 -17.22 -27.47
CA VAL B 184 10.64 -18.60 -27.03
C VAL B 184 9.95 -18.75 -25.68
N PHE B 185 9.17 -19.81 -25.53
CA PHE B 185 8.47 -20.06 -24.28
C PHE B 185 9.08 -21.26 -23.59
N LYS B 186 9.63 -21.04 -22.40
CA LYS B 186 10.07 -22.16 -21.57
C LYS B 186 9.63 -22.01 -20.13
N ARG B 187 9.10 -23.10 -19.58
CA ARG B 187 8.76 -23.27 -18.15
C ARG B 187 8.41 -21.98 -17.41
N ASP B 188 7.20 -21.46 -17.68
CA ASP B 188 6.58 -20.29 -17.01
C ASP B 188 7.22 -18.95 -17.39
N THR B 189 8.13 -18.96 -18.35
CA THR B 189 8.80 -17.73 -18.75
C THR B 189 8.72 -17.48 -20.26
N LEU B 190 8.89 -16.21 -20.62
CA LEU B 190 8.87 -15.73 -22.00
C LEU B 190 10.17 -15.02 -22.34
N LEU B 191 10.85 -15.46 -23.39
CA LEU B 191 12.12 -14.87 -23.76
C LEU B 191 12.08 -14.25 -25.15
N ILE B 192 12.48 -12.98 -25.24
CA ILE B 192 12.60 -12.32 -26.53
C ILE B 192 14.07 -12.10 -26.80
N LYS B 193 14.61 -12.83 -27.78
CA LYS B 193 16.03 -12.76 -28.08
C LYS B 193 16.42 -11.38 -28.60
N GLU B 194 15.63 -10.84 -29.51
CA GLU B 194 15.84 -9.47 -29.98
C GLU B 194 14.56 -8.66 -29.79
N VAL B 195 14.67 -7.60 -28.99
CA VAL B 195 13.51 -6.77 -28.65
C VAL B 195 13.33 -5.65 -29.66
N LYS B 196 12.10 -5.47 -30.12
CA LYS B 196 11.77 -4.46 -31.11
C LYS B 196 10.77 -3.46 -30.53
N GLU B 197 10.71 -2.27 -31.14
CA GLU B 197 9.81 -1.22 -30.68
C GLU B 197 8.35 -1.62 -30.80
N ASP B 198 8.10 -2.70 -31.55
CA ASP B 198 6.75 -3.23 -31.71
C ASP B 198 6.30 -3.94 -30.44
N ASP B 199 7.25 -4.59 -29.76
CA ASP B 199 6.94 -5.36 -28.56
C ASP B 199 6.75 -4.47 -27.34
N ILE B 200 5.69 -3.65 -27.38
CA ILE B 200 5.33 -2.81 -26.23
C ILE B 200 3.91 -3.13 -25.82
N GLY B 201 3.66 -3.12 -24.52
CA GLY B 201 2.30 -3.29 -24.02
C GLY B 201 2.18 -4.21 -22.82
N ASN B 202 0.97 -4.73 -22.64
CA ASN B 202 0.65 -5.49 -21.44
C ASN B 202 0.67 -7.00 -21.72
N TYR B 203 1.60 -7.71 -21.05
CA TYR B 203 1.71 -9.14 -21.21
C TYR B 203 1.11 -9.88 -20.02
N THR B 204 0.13 -10.74 -20.30
CA THR B 204 -0.58 -11.47 -19.24
C THR B 204 -0.50 -12.97 -19.43
N CYS B 205 -0.01 -13.66 -18.40
CA CYS B 205 0.07 -15.13 -18.43
C CYS B 205 -1.14 -15.74 -17.74
N GLU B 206 -1.55 -16.92 -18.20
CA GLU B 206 -2.73 -17.59 -17.65
C GLU B 206 -2.42 -18.98 -17.13
N LEU B 207 -2.99 -19.32 -15.98
CA LEU B 207 -2.80 -20.64 -15.39
C LEU B 207 -4.14 -21.32 -15.09
N LYS B 208 -4.18 -22.64 -15.23
CA LYS B 208 -5.37 -23.42 -14.94
C LYS B 208 -5.25 -24.05 -13.55
N TYR B 209 -6.20 -23.73 -12.68
CA TYR B 209 -6.20 -24.27 -11.33
C TYR B 209 -7.56 -24.85 -10.96
N GLY B 210 -7.81 -26.10 -11.38
CA GLY B 210 -9.03 -26.80 -11.04
C GLY B 210 -10.29 -26.07 -11.48
N GLY B 211 -10.35 -25.70 -12.76
CA GLY B 211 -11.49 -25.00 -13.31
C GLY B 211 -11.46 -23.52 -12.98
N PHE B 212 -10.31 -23.05 -12.50
CA PHE B 212 -10.11 -21.64 -12.20
C PHE B 212 -8.91 -21.10 -12.96
N VAL B 213 -8.90 -19.80 -13.20
CA VAL B 213 -7.79 -19.18 -13.91
C VAL B 213 -7.00 -18.22 -13.01
N VAL B 214 -5.67 -18.29 -13.12
CA VAL B 214 -4.79 -17.37 -12.39
C VAL B 214 -4.04 -16.50 -13.39
N ARG B 215 -4.32 -15.20 -13.37
CA ARG B 215 -3.71 -14.29 -14.32
C ARG B 215 -2.73 -13.32 -13.68
N ARG B 216 -1.51 -13.30 -14.20
CA ARG B 216 -0.50 -12.34 -13.78
C ARG B 216 -0.05 -11.53 -14.98
N THR B 217 -0.31 -10.22 -14.92
CA THR B 217 -0.11 -9.35 -16.07
C THR B 217 1.01 -8.34 -15.84
N THR B 218 1.91 -8.24 -16.82
CA THR B 218 3.01 -7.29 -16.75
C THR B 218 3.04 -6.39 -17.97
N GLU B 219 3.47 -5.14 -17.79
CA GLU B 219 3.56 -4.20 -18.89
C GLU B 219 5.02 -3.90 -19.23
N LEU B 220 5.35 -3.97 -20.51
CA LEU B 220 6.72 -3.76 -20.97
C LEU B 220 6.88 -2.40 -21.63
N THR B 221 7.92 -1.68 -21.24
CA THR B 221 8.26 -0.42 -21.88
C THR B 221 9.69 -0.49 -22.41
N VAL B 222 9.86 -0.24 -23.71
CA VAL B 222 11.18 -0.31 -24.33
C VAL B 222 11.85 1.05 -24.37
N THR B 223 13.15 1.04 -24.16
CA THR B 223 13.95 2.27 -24.21
C THR B 223 15.11 2.08 -25.17
N ALA B 224 15.71 3.19 -25.59
CA ALA B 224 16.88 3.13 -26.45
C ALA B 224 18.00 2.45 -25.69
N PRO B 225 18.88 1.73 -26.41
CA PRO B 225 19.96 1.02 -25.70
C PRO B 225 20.91 1.98 -25.00
N LEU B 226 21.73 1.45 -24.10
CA LEU B 226 22.67 2.26 -23.34
C LEU B 226 23.61 3.02 -24.27
N THR B 227 23.96 4.24 -23.87
CA THR B 227 24.66 5.19 -24.73
C THR B 227 26.01 4.71 -25.25
N ASP B 228 26.89 4.31 -24.32
CA ASP B 228 28.29 3.98 -24.61
C ASP B 228 29.05 5.27 -24.97
N LYS B 229 28.34 6.39 -24.94
CA LYS B 229 28.91 7.69 -25.24
C LYS B 229 28.44 8.77 -24.26
N PRO B 230 29.34 9.67 -23.86
CA PRO B 230 28.99 10.80 -23.00
C PRO B 230 28.05 11.77 -23.70
N PRO B 231 27.37 12.64 -22.94
CA PRO B 231 26.34 13.52 -23.52
C PRO B 231 26.92 14.59 -24.43
N LYS B 232 26.07 15.22 -25.22
CA LYS B 232 26.49 16.24 -26.17
C LYS B 232 26.04 17.63 -25.75
N LEU B 233 26.96 18.58 -25.79
CA LEU B 233 26.63 19.98 -25.52
C LEU B 233 26.03 20.62 -26.76
N LEU B 234 24.90 21.29 -26.59
CA LEU B 234 24.25 21.98 -27.70
C LEU B 234 24.46 23.50 -27.59
N TYR B 235 24.21 24.04 -26.40
CA TYR B 235 24.43 25.46 -26.15
C TYR B 235 24.95 25.63 -24.73
N PRO B 236 26.20 26.14 -24.60
CA PRO B 236 27.12 26.44 -25.70
C PRO B 236 27.78 25.19 -26.29
N MET B 237 28.32 25.32 -27.49
CA MET B 237 29.04 24.23 -28.12
C MET B 237 30.44 24.12 -27.53
N GLU B 238 31.04 22.93 -27.63
CA GLU B 238 32.31 22.65 -26.98
C GLU B 238 33.47 23.50 -27.47
N SER B 239 33.47 23.83 -28.76
CA SER B 239 34.58 24.60 -29.32
C SER B 239 34.12 25.74 -30.24
N LYS B 240 33.42 26.71 -29.67
CA LYS B 240 33.06 27.93 -30.38
C LYS B 240 33.31 29.16 -29.51
N LEU B 241 33.33 28.94 -28.19
CA LEU B 241 33.52 30.01 -27.21
C LEU B 241 32.50 31.13 -27.39
N THR B 242 31.25 30.84 -27.01
CA THR B 242 30.16 31.80 -27.12
C THR B 242 30.39 32.99 -26.19
N VAL B 243 29.82 34.15 -26.55
CA VAL B 243 30.02 35.37 -25.78
C VAL B 243 28.69 35.94 -25.28
N GLN B 244 28.67 36.34 -24.01
CA GLN B 244 27.49 36.96 -23.42
C GLN B 244 27.80 38.38 -22.93
N GLU B 245 26.97 39.34 -23.33
CA GLU B 245 27.17 40.74 -22.95
C GLU B 245 26.13 41.17 -21.92
N THR B 246 26.60 41.70 -20.79
CA THR B 246 25.72 42.22 -19.74
C THR B 246 26.30 43.51 -19.17
N GLN B 247 25.43 44.43 -18.77
CA GLN B 247 25.88 45.67 -18.17
C GLN B 247 25.94 45.53 -16.65
N LEU B 248 26.78 46.35 -16.01
CA LEU B 248 26.95 46.32 -14.57
C LEU B 248 25.66 46.76 -13.87
N GLY B 249 25.32 46.06 -12.78
CA GLY B 249 24.06 46.28 -12.09
C GLY B 249 22.90 45.75 -12.89
N GLY B 250 23.20 44.81 -13.79
CA GLY B 250 22.21 44.22 -14.67
C GLY B 250 21.92 42.78 -14.28
N SER B 251 21.11 42.11 -15.10
CA SER B 251 20.78 40.71 -14.87
C SER B 251 21.41 39.82 -15.94
N ALA B 252 22.05 38.73 -15.50
CA ALA B 252 22.69 37.80 -16.42
C ALA B 252 22.01 36.44 -16.38
N ASN B 253 21.62 35.95 -17.55
CA ASN B 253 21.03 34.63 -17.69
C ASN B 253 21.90 33.77 -18.58
N LEU B 254 22.57 32.78 -17.98
CA LEU B 254 23.40 31.85 -18.74
C LEU B 254 22.76 30.48 -18.73
N THR B 255 22.27 30.04 -19.89
CA THR B 255 21.50 28.81 -19.99
C THR B 255 22.22 27.74 -20.78
N CYS B 256 22.64 26.69 -20.09
CA CYS B 256 23.25 25.55 -20.76
C CYS B 256 22.19 24.64 -21.37
N ARG B 257 22.58 23.87 -22.38
CA ARG B 257 21.68 22.92 -23.00
C ARG B 257 22.47 21.70 -23.47
N ALA B 258 21.96 20.50 -23.19
CA ALA B 258 22.67 19.28 -23.53
C ALA B 258 21.71 18.16 -23.87
N PHE B 259 22.24 17.12 -24.51
CA PHE B 259 21.46 15.94 -24.85
C PHE B 259 21.95 14.74 -24.06
N PHE B 260 21.05 14.14 -23.28
CA PHE B 260 21.39 12.96 -22.50
C PHE B 260 20.68 11.73 -23.05
N GLY B 261 21.46 10.81 -23.61
CA GLY B 261 20.91 9.55 -24.06
C GLY B 261 20.64 8.66 -22.87
N TYR B 262 19.87 7.60 -23.08
CA TYR B 262 19.49 6.70 -21.99
C TYR B 262 20.70 6.03 -21.36
N SER B 263 20.75 6.07 -20.02
CA SER B 263 21.86 5.49 -19.28
C SER B 263 21.44 5.16 -17.84
N VAL B 266 19.58 7.07 -12.89
CA VAL B 266 20.13 8.31 -12.36
C VAL B 266 19.61 9.53 -13.12
N SER B 267 19.48 10.64 -12.40
CA SER B 267 19.07 11.90 -13.01
C SER B 267 20.25 12.50 -13.79
N PRO B 268 19.96 13.24 -14.87
CA PRO B 268 21.03 13.85 -15.66
C PRO B 268 21.87 14.83 -14.86
N LEU B 269 23.19 14.71 -14.96
CA LEU B 269 24.11 15.60 -14.27
C LEU B 269 24.58 16.74 -15.16
N ILE B 270 23.96 17.90 -15.00
CA ILE B 270 24.37 19.10 -15.72
C ILE B 270 24.38 20.28 -14.77
N TYR B 271 25.49 21.01 -14.74
CA TYR B 271 25.67 22.07 -13.76
C TYR B 271 26.66 23.14 -14.21
N TRP B 272 26.57 24.31 -13.59
CA TRP B 272 27.43 25.43 -13.94
C TRP B 272 28.58 25.61 -12.96
N MET B 273 29.72 26.05 -13.48
CA MET B 273 30.86 26.39 -12.65
C MET B 273 31.56 27.64 -13.18
N LYS B 274 32.09 28.45 -12.27
CA LYS B 274 32.90 29.60 -12.66
C LYS B 274 34.35 29.37 -12.23
N GLY B 275 35.16 28.88 -13.16
CA GLY B 275 36.53 28.51 -12.85
C GLY B 275 36.56 27.39 -11.83
N GLU B 276 37.33 27.59 -10.76
CA GLU B 276 37.43 26.60 -9.69
C GLU B 276 36.19 26.64 -8.79
N LYS B 277 35.57 27.81 -8.67
CA LYS B 277 34.46 28.01 -7.74
C LYS B 277 33.16 27.38 -8.23
N PHE B 278 32.50 26.65 -7.35
CA PHE B 278 31.18 26.10 -7.64
C PHE B 278 30.12 27.18 -7.44
N ILE B 279 28.91 26.90 -7.91
CA ILE B 279 27.80 27.85 -7.83
C ILE B 279 27.50 28.25 -6.38
N GLU B 280 27.64 27.29 -5.47
CA GLU B 280 27.36 27.51 -4.06
C GLU B 280 28.31 28.50 -3.37
N ASP B 281 29.56 28.54 -3.84
CA ASP B 281 30.58 29.37 -3.20
C ASP B 281 30.42 30.88 -3.44
N LEU B 282 30.28 31.26 -4.70
CA LEU B 282 30.23 32.67 -5.08
C LEU B 282 28.93 33.40 -4.70
N ASP B 283 29.06 34.36 -3.78
CA ASP B 283 28.01 35.36 -3.49
C ASP B 283 26.58 34.84 -3.57
N GLU B 284 26.17 34.06 -2.58
CA GLU B 284 24.85 33.44 -2.58
C GLU B 284 23.65 34.39 -2.64
N ASN B 285 23.83 35.66 -2.30
CA ASN B 285 22.70 36.59 -2.38
C ASN B 285 22.31 37.06 -3.79
N ARG B 286 23.28 37.21 -4.69
CA ARG B 286 22.97 37.71 -6.03
C ARG B 286 22.78 36.62 -7.09
N VAL B 287 23.55 35.54 -6.96
CA VAL B 287 23.57 34.50 -7.99
C VAL B 287 23.07 33.14 -7.51
N TRP B 288 22.15 32.54 -8.29
CA TRP B 288 21.57 31.25 -7.94
C TRP B 288 21.37 30.41 -9.20
N GLU B 289 21.19 29.10 -9.01
CA GLU B 289 21.01 28.19 -10.14
C GLU B 289 19.57 27.71 -10.24
N SER B 290 19.05 27.66 -11.46
CA SER B 290 17.68 27.19 -11.69
C SER B 290 17.62 25.66 -11.65
N ASP B 291 16.40 25.14 -11.58
CA ASP B 291 16.17 23.69 -11.64
C ASP B 291 16.25 23.19 -13.07
N ILE B 292 16.64 21.93 -13.23
CA ILE B 292 16.76 21.31 -14.54
C ILE B 292 15.41 21.17 -15.23
N ARG B 293 15.36 21.50 -16.51
CA ARG B 293 14.13 21.40 -17.30
C ARG B 293 14.25 20.33 -18.37
N ILE B 294 13.14 19.65 -18.66
CA ILE B 294 13.12 18.62 -19.70
C ILE B 294 12.50 19.15 -20.98
N LEU B 295 13.35 19.51 -21.94
CA LEU B 295 12.86 20.04 -23.21
C LEU B 295 12.21 18.94 -24.06
N LYS B 296 12.77 17.74 -24.00
CA LYS B 296 12.21 16.61 -24.72
C LYS B 296 12.56 15.29 -24.05
N GLU B 297 11.71 14.28 -24.25
CA GLU B 297 12.01 12.93 -23.81
C GLU B 297 11.42 11.91 -24.78
N HIS B 298 12.27 11.00 -25.26
CA HIS B 298 11.79 9.87 -26.05
C HIS B 298 12.69 8.65 -25.88
N LEU B 299 12.09 7.54 -25.45
CA LEU B 299 12.80 6.27 -25.27
C LEU B 299 13.99 6.36 -24.33
N GLY B 300 13.84 7.15 -23.27
CA GLY B 300 14.87 7.27 -22.25
C GLY B 300 15.90 8.34 -22.53
N GLU B 301 15.82 8.96 -23.70
CA GLU B 301 16.75 10.02 -24.06
C GLU B 301 16.16 11.38 -23.73
N GLN B 302 16.96 12.23 -23.07
CA GLN B 302 16.48 13.54 -22.64
C GLN B 302 17.35 14.67 -23.20
N GLU B 303 16.74 15.83 -23.37
CA GLU B 303 17.45 17.02 -23.80
C GLU B 303 17.20 18.12 -22.76
N VAL B 304 17.90 18.02 -21.64
CA VAL B 304 17.68 18.91 -20.52
C VAL B 304 18.40 20.25 -20.65
N SER B 305 17.92 21.25 -19.92
CA SER B 305 18.56 22.55 -19.88
C SER B 305 18.54 23.16 -18.48
N ILE B 306 19.64 23.76 -18.09
CA ILE B 306 19.73 24.44 -16.79
C ILE B 306 20.29 25.85 -17.00
N SER B 307 19.90 26.78 -16.16
CA SER B 307 20.29 28.17 -16.34
C SER B 307 20.97 28.78 -15.12
N LEU B 308 21.93 29.66 -15.39
CA LEU B 308 22.65 30.36 -14.33
C LEU B 308 22.21 31.81 -14.29
N ILE B 309 21.77 32.28 -13.12
CA ILE B 309 21.25 33.63 -12.98
C ILE B 309 22.08 34.49 -12.03
N VAL B 310 22.48 35.66 -12.50
CA VAL B 310 23.21 36.62 -11.68
C VAL B 310 22.47 37.96 -11.64
N ASP B 311 22.31 38.52 -10.44
CA ASP B 311 21.62 39.79 -10.29
C ASP B 311 22.59 40.87 -9.81
N SER B 312 22.34 42.11 -10.22
CA SER B 312 23.20 43.24 -9.90
C SER B 312 24.65 42.94 -10.27
N VAL B 313 24.87 42.61 -11.54
CA VAL B 313 26.18 42.18 -12.03
C VAL B 313 27.25 43.23 -11.73
N GLU B 314 28.38 42.76 -11.20
CA GLU B 314 29.50 43.63 -10.88
C GLU B 314 30.78 43.13 -11.56
N GLU B 315 31.86 43.89 -11.39
CA GLU B 315 33.13 43.61 -12.07
C GLU B 315 33.65 42.21 -11.78
N GLY B 316 33.46 41.74 -10.56
CA GLY B 316 33.91 40.42 -10.16
C GLY B 316 33.18 39.30 -10.87
N ASP B 317 31.90 39.52 -11.15
CA ASP B 317 31.07 38.51 -11.80
C ASP B 317 31.51 38.24 -13.23
N LEU B 318 32.05 39.27 -13.89
CA LEU B 318 32.53 39.14 -15.26
C LEU B 318 33.69 38.15 -15.34
N GLY B 319 33.66 37.31 -16.37
CA GLY B 319 34.67 36.29 -16.54
C GLY B 319 34.21 35.16 -17.44
N ASN B 320 34.88 34.02 -17.33
CA ASN B 320 34.54 32.86 -18.14
C ASN B 320 33.76 31.81 -17.36
N TYR B 321 32.53 31.56 -17.78
CA TYR B 321 31.69 30.55 -17.13
C TYR B 321 31.62 29.28 -17.96
N SER B 322 31.65 28.14 -17.29
CA SER B 322 31.64 26.86 -17.98
C SER B 322 30.48 25.97 -17.50
N CYS B 323 29.78 25.39 -18.47
CA CYS B 323 28.70 24.45 -18.17
C CYS B 323 29.22 23.03 -18.25
N TYR B 324 29.17 22.32 -17.13
CA TYR B 324 29.71 20.98 -17.07
C TYR B 324 28.61 19.93 -17.23
N VAL B 325 28.86 18.95 -18.09
CA VAL B 325 27.88 17.91 -18.37
C VAL B 325 28.54 16.53 -18.23
N GLU B 326 27.91 15.64 -17.47
CA GLU B 326 28.56 14.39 -17.08
C GLU B 326 27.60 13.20 -17.06
N ASN B 327 28.15 12.02 -17.31
CA ASN B 327 27.41 10.77 -17.21
C ASN B 327 28.36 9.60 -16.97
N GLY B 328 27.88 8.38 -17.21
CA GLY B 328 28.67 7.19 -16.95
C GLY B 328 29.99 7.07 -17.69
N ASN B 329 30.02 7.48 -18.95
CA ASN B 329 31.22 7.25 -19.78
C ASN B 329 32.10 8.47 -20.00
N GLY B 330 31.67 9.64 -19.54
CA GLY B 330 32.46 10.84 -19.77
C GLY B 330 31.98 12.11 -19.10
N ARG B 331 32.86 13.10 -19.05
CA ARG B 331 32.52 14.43 -18.58
C ARG B 331 32.91 15.47 -19.63
N ARG B 332 31.92 16.17 -20.17
CA ARG B 332 32.18 17.21 -21.16
C ARG B 332 31.78 18.57 -20.62
N HIS B 333 32.35 19.62 -21.18
CA HIS B 333 31.98 20.98 -20.77
C HIS B 333 32.24 22.00 -21.87
N ALA B 334 31.50 23.10 -21.83
CA ALA B 334 31.66 24.20 -22.76
C ALA B 334 31.68 25.51 -21.99
N SER B 335 32.19 26.57 -22.60
CA SER B 335 32.41 27.82 -21.87
C SER B 335 31.63 29.00 -22.45
N VAL B 336 31.31 29.95 -21.58
CA VAL B 336 30.63 31.18 -21.96
C VAL B 336 31.38 32.38 -21.38
N LEU B 337 31.55 33.42 -22.18
CA LEU B 337 32.26 34.61 -21.73
C LEU B 337 31.29 35.73 -21.38
N LEU B 338 31.45 36.27 -20.17
CA LEU B 338 30.63 37.38 -19.71
C LEU B 338 31.42 38.67 -19.89
N HIS B 339 30.86 39.63 -20.62
CA HIS B 339 31.60 40.80 -21.04
C HIS B 339 30.92 42.11 -20.63
N LYS B 340 31.57 43.23 -20.93
CA LYS B 340 31.08 44.57 -20.57
C LYS B 340 31.06 44.76 -19.06
C1 NAG C . 25.66 19.64 -2.05
C2 NAG C . 25.64 18.93 -0.70
C3 NAG C . 26.44 19.72 0.34
C4 NAG C . 27.92 19.73 -0.05
C5 NAG C . 28.10 19.86 -1.56
C6 NAG C . 28.50 18.59 -2.27
C7 NAG C . 23.29 19.39 0.15
C8 NAG C . 23.50 20.88 0.03
N2 NAG C . 24.30 18.58 -0.21
O3 NAG C . 26.25 19.10 1.60
O4 NAG C . 28.62 20.80 0.58
O5 NAG C . 26.92 20.38 -2.22
O6 NAG C . 28.61 17.50 -1.37
O7 NAG C . 22.22 18.93 0.54
C1 NAG C . 28.62 20.97 2.03
C2 NAG C . 27.98 22.34 2.24
C3 NAG C . 27.88 22.68 3.73
C4 NAG C . 27.24 21.54 4.52
C5 NAG C . 27.93 20.22 4.20
C6 NAG C . 27.24 19.03 4.83
C7 NAG C . 28.32 23.97 0.43
C8 NAG C . 26.98 23.53 -0.09
N2 NAG C . 28.74 23.37 1.55
O3 NAG C . 27.09 23.86 3.80
O4 NAG C . 27.34 21.69 5.93
O5 NAG C . 27.91 20.00 2.78
O6 NAG C . 26.09 18.63 4.09
O7 NAG C . 28.98 24.83 -0.14
C1 BMA C . 27.47 23.02 6.49
C2 BMA C . 26.48 23.23 7.64
C3 BMA C . 26.63 24.65 8.20
C4 BMA C . 28.11 25.03 8.44
C5 BMA C . 28.95 24.73 7.19
C6 BMA C . 30.43 25.01 7.38
O2 BMA C . 26.76 22.34 8.72
O3 BMA C . 25.87 24.85 9.38
O4 BMA C . 28.21 26.40 8.78
O5 BMA C . 28.79 23.34 6.85
O6 BMA C . 30.60 26.41 7.57
C1 NAG D . -21.58 2.80 4.32
C2 NAG D . -22.95 2.14 4.38
C3 NAG D . -22.82 0.63 4.23
C4 NAG D . -22.04 0.30 2.96
C5 NAG D . -20.70 1.05 2.96
C6 NAG D . -19.92 0.86 1.68
C7 NAG D . -24.98 2.62 5.68
C8 NAG D . -25.53 2.96 7.04
N2 NAG D . -23.65 2.48 5.61
O3 NAG D . -24.12 0.05 4.19
O4 NAG D . -21.78 -1.10 2.88
O5 NAG D . -20.94 2.45 3.10
O6 NAG D . -20.36 1.76 0.67
O7 NAG D . -25.70 2.49 4.70
C1 NAG D . -22.80 -1.68 2.04
C2 NAG D . -22.21 -2.68 1.05
C3 NAG D . -23.31 -3.24 0.17
C4 NAG D . -24.44 -3.82 1.02
C5 NAG D . -24.90 -2.78 2.04
C6 NAG D . -25.93 -3.34 3.01
C7 NAG D . -19.89 -2.43 0.29
C8 NAG D . -18.95 -1.69 -0.62
N2 NAG D . -21.17 -2.06 0.24
O3 NAG D . -22.76 -4.26 -0.67
O4 NAG D . -25.55 -4.18 0.20
O5 NAG D . -23.80 -2.32 2.83
O6 NAG D . -27.13 -2.58 2.98
O7 NAG D . -19.50 -3.31 1.05
C1 BMA D . -25.50 -5.59 -0.06
C2 BMA D . -26.89 -6.21 0.10
C3 BMA D . -27.06 -7.32 -0.94
C4 BMA D . -25.76 -8.14 -1.17
C5 BMA D . -24.56 -7.20 -1.52
C6 BMA D . -24.08 -7.35 -2.95
O2 BMA D . -27.90 -5.25 -0.15
O3 BMA D . -27.54 -6.80 -2.19
O4 BMA D . -25.45 -8.91 -0.02
O5 BMA D . -24.97 -5.85 -1.33
O6 BMA D . -23.65 -8.69 -3.13
C1 MAN D . -28.83 -7.30 -2.60
C2 MAN D . -29.29 -8.59 -1.79
C3 MAN D . -30.14 -9.62 -2.60
C4 MAN D . -30.15 -9.37 -4.12
C5 MAN D . -28.84 -8.72 -4.53
C6 MAN D . -28.68 -8.61 -6.04
O2 MAN D . -30.10 -8.25 -0.67
O3 MAN D . -31.47 -9.72 -2.10
O4 MAN D . -30.33 -10.59 -4.82
O5 MAN D . -28.87 -7.40 -4.01
O6 MAN D . -27.33 -8.28 -6.32
C1 MAN D . -24.24 -9.21 -4.34
C2 MAN D . -25.09 -10.42 -3.97
C3 MAN D . -24.18 -11.55 -3.51
C4 MAN D . -23.08 -11.83 -4.54
C5 MAN D . -22.32 -10.53 -4.87
C6 MAN D . -21.30 -10.70 -5.98
O2 MAN D . -25.79 -10.93 -5.11
O3 MAN D . -24.91 -12.74 -3.23
O4 MAN D . -22.17 -12.79 -4.03
O5 MAN D . -23.27 -9.52 -5.29
O6 MAN D . -20.62 -9.45 -6.15
C1 NAG E . -18.27 -32.38 18.22
C2 NAG E . -17.67 -32.19 16.83
C3 NAG E . -17.92 -30.76 16.35
C4 NAG E . -19.40 -30.39 16.46
C5 NAG E . -19.92 -30.68 17.86
C6 NAG E . -21.40 -30.48 18.01
C7 NAG E . -15.65 -33.25 15.91
C8 NAG E . -16.54 -33.80 14.84
N2 NAG E . -16.25 -32.48 16.84
O3 NAG E . -17.48 -30.62 15.00
O4 NAG E . -19.56 -29.01 16.17
O5 NAG E . -19.65 -32.06 18.20
O6 NAG E . -21.71 -29.64 19.11
O7 NAG E . -14.45 -33.47 15.93
C1 NAG E . -20.49 -28.79 15.10
C2 NAG E . -21.03 -27.37 15.23
C3 NAG E . -22.04 -27.08 14.13
C4 NAG E . -21.40 -27.34 12.77
C5 NAG E . -20.85 -28.76 12.72
C6 NAG E . -20.11 -29.07 11.44
C7 NAG E . -21.00 -26.52 17.53
C8 NAG E . -21.77 -26.39 18.81
N2 NAG E . -21.63 -27.16 16.54
O3 NAG E . -22.47 -25.73 14.22
O4 NAG E . -22.35 -27.16 11.72
O5 NAG E . -19.91 -28.97 13.80
O6 NAG E . -20.98 -29.61 10.45
O7 NAG E . -19.87 -26.08 17.41
C1 BMA E . -22.17 -25.84 11.18
C2 BMA E . -21.98 -25.83 9.66
C3 BMA E . -21.61 -24.37 9.26
C4 BMA E . -22.62 -23.34 9.83
C5 BMA E . -22.81 -23.54 11.35
C6 BMA E . -23.85 -22.60 11.99
O2 BMA E . -23.18 -26.16 9.00
O3 BMA E . -21.23 -24.15 7.84
O4 BMA E . -22.14 -22.03 9.58
O5 BMA E . -23.18 -24.92 11.58
O6 BMA E . -24.95 -22.34 11.11
C1 MAN E . -22.24 -24.21 6.78
C2 MAN E . -23.00 -22.87 6.53
C3 MAN E . -24.09 -23.06 5.47
C4 MAN E . -23.83 -24.34 4.65
C5 MAN E . -23.88 -25.57 5.58
C6 MAN E . -23.35 -26.84 4.94
O2 MAN E . -22.14 -21.85 6.05
O3 MAN E . -24.19 -21.92 4.61
O4 MAN E . -24.81 -24.46 3.63
O5 MAN E . -23.12 -25.33 6.81
O6 MAN E . -24.05 -27.04 3.71
C1 MAN E . -24.97 -20.96 10.64
C2 MAN E . -24.15 -19.98 11.56
C3 MAN E . -25.04 -19.17 12.49
C4 MAN E . -26.24 -18.61 11.75
C5 MAN E . -27.06 -19.79 11.23
C6 MAN E . -28.35 -19.37 10.56
O2 MAN E . -23.42 -19.02 10.77
O3 MAN E . -24.32 -18.11 13.11
O4 MAN E . -27.04 -17.83 12.62
O5 MAN E . -26.27 -20.49 10.24
O6 MAN E . -29.29 -20.43 10.68
C1 NAG F . -13.77 -8.55 -17.67
C2 NAG F . -14.04 -10.04 -17.57
C3 NAG F . -15.43 -10.39 -18.15
C4 NAG F . -16.49 -9.47 -17.55
C5 NAG F . -16.08 -8.01 -17.66
C6 NAG F . -17.03 -7.07 -16.97
C7 NAG F . -12.54 -10.98 -19.39
C8 NAG F . -13.18 -10.09 -20.42
N2 NAG F . -12.99 -10.90 -18.11
O3 NAG F . -15.72 -11.75 -17.86
O4 NAG F . -17.72 -9.62 -18.26
O5 NAG F . -14.79 -7.82 -17.04
O6 NAG F . -16.41 -6.41 -15.87
O7 NAG F . -11.64 -11.77 -19.70
C1 NAG F . -18.59 -10.51 -17.56
C2 NAG F . -19.99 -9.90 -17.50
C3 NAG F . -20.97 -10.88 -16.86
C4 NAG F . -20.91 -12.24 -17.54
C5 NAG F . -19.46 -12.74 -17.58
C6 NAG F . -19.29 -14.02 -18.36
C7 NAG F . -20.43 -7.49 -17.29
C8 NAG F . -20.96 -7.55 -18.68
N2 NAG F . -19.98 -8.65 -16.77
O3 NAG F . -22.29 -10.36 -16.96
O4 NAG F . -21.71 -13.18 -16.82
O5 NAG F . -18.64 -11.76 -18.24
O6 NAG F . -19.25 -13.78 -19.76
O7 NAG F . -20.40 -6.44 -16.64
C1 BMA F . -22.68 -13.78 -17.70
C2 BMA F . -23.31 -15.01 -17.02
C3 BMA F . -24.35 -15.64 -17.95
C4 BMA F . -25.31 -14.60 -18.52
C5 BMA F . -24.52 -13.43 -19.16
C6 BMA F . -25.42 -12.33 -19.70
O2 BMA F . -24.00 -14.63 -15.83
O3 BMA F . -25.07 -16.69 -17.30
O4 BMA F . -26.16 -15.19 -19.49
O5 BMA F . -23.66 -12.87 -18.16
O6 BMA F . -26.42 -12.92 -20.53
C1 NAG G . -2.01 -1.76 -22.40
C2 NAG G . -2.27 -0.70 -21.35
C3 NAG G . -2.93 0.52 -22.00
C4 NAG G . -2.13 0.99 -23.23
C5 NAG G . -1.79 -0.19 -24.13
C6 NAG G . -0.84 0.17 -25.25
C7 NAG G . -3.22 -0.56 -19.08
C8 NAG G . -4.11 -1.21 -18.08
N2 NAG G . -3.10 -1.20 -20.26
O3 NAG G . -3.02 1.56 -21.03
O4 NAG G . -2.92 1.89 -24.00
O5 NAG G . -1.17 -1.25 -23.39
O6 NAG G . -0.15 -0.98 -25.72
O7 NAG G . -2.62 0.48 -18.86
C1 NAG G . -3.09 3.21 -23.44
C2 NAG G . -3.26 4.22 -24.58
C3 NAG G . -3.58 5.60 -24.02
C4 NAG G . -4.78 5.54 -23.10
C5 NAG G . -4.51 4.52 -21.99
C6 NAG G . -5.67 4.32 -21.04
C7 NAG G . -2.10 4.07 -26.74
C8 NAG G . -0.78 4.15 -27.44
N2 NAG G . -2.07 4.27 -25.42
O3 NAG G . -3.83 6.51 -25.09
O4 NAG G . -5.06 6.81 -22.53
O5 NAG G . -4.25 3.24 -22.59
O6 NAG G . -5.28 3.60 -19.88
O7 NAG G . -3.14 3.84 -27.34
C1 BMA G . -6.40 7.21 -22.93
C2 BMA G . -6.89 8.46 -22.11
C3 BMA G . -6.76 9.77 -22.90
C4 BMA G . -5.84 9.58 -24.10
C5 BMA G . -6.55 8.59 -25.00
C6 BMA G . -5.92 8.46 -26.38
O2 BMA G . -6.13 8.61 -20.92
O3 BMA G . -6.35 10.88 -22.07
O4 BMA G . -5.64 10.80 -24.80
O5 BMA G . -6.55 7.27 -24.37
O6 BMA G . -4.82 9.36 -26.47
C1 MAN G . -7.15 12.02 -22.43
C2 MAN G . -6.31 13.34 -22.31
C3 MAN G . -6.55 14.05 -20.98
C4 MAN G . -8.04 14.10 -20.64
C5 MAN G . -8.53 12.66 -20.53
C6 MAN G . -9.99 12.57 -20.10
O2 MAN G . -6.68 14.29 -23.32
O3 MAN G . -5.99 15.36 -20.98
O4 MAN G . -8.25 14.78 -19.42
O5 MAN G . -8.44 12.05 -21.82
O6 MAN G . -10.79 12.41 -21.27
C1 MAN G . -4.77 9.88 -27.81
C2 MAN G . -3.52 10.76 -27.98
C3 MAN G . -3.76 11.81 -29.06
C4 MAN G . -4.70 11.27 -30.15
C5 MAN G . -6.08 10.98 -29.55
C6 MAN G . -6.86 9.91 -30.30
O2 MAN G . -2.41 9.98 -28.44
O3 MAN G . -2.54 12.28 -29.63
O4 MAN G . -4.83 12.23 -31.19
O5 MAN G . -5.96 10.55 -28.16
O6 MAN G . -8.08 9.69 -29.61
C1 NAG H . 16.79 32.21 -18.52
C2 NAG H . 15.33 32.37 -18.08
C3 NAG H . 14.55 31.07 -18.27
C4 NAG H . 14.71 30.55 -19.70
C5 NAG H . 16.20 30.45 -20.05
C6 NAG H . 16.45 30.04 -21.48
C7 NAG H . 15.54 32.39 -15.55
C8 NAG H . 16.21 31.05 -15.56
N2 NAG H . 15.17 32.92 -16.73
O3 NAG H . 13.18 31.31 -17.98
O4 NAG H . 14.14 29.26 -19.83
O5 NAG H . 16.84 31.73 -19.86
O6 NAG H . 16.47 31.18 -22.35
O7 NAG H . 15.33 32.99 -14.50
C1 NAG H . 12.79 29.39 -20.32
C2 NAG H . 12.53 28.54 -21.55
C3 NAG H . 11.12 28.79 -22.06
C4 NAG H . 10.08 28.65 -20.95
C5 NAG H . 10.50 29.44 -19.71
C6 NAG H . 9.62 29.18 -18.51
C7 NAG H . 13.81 27.94 -23.56
C8 NAG H . 14.84 28.38 -24.56
N2 NAG H . 13.51 28.81 -22.59
O3 NAG H . 10.82 27.86 -23.10
O4 NAG H . 8.84 29.19 -21.39
O5 NAG H . 11.84 29.09 -19.33
O6 NAG H . 10.34 29.35 -17.29
O7 NAG H . 13.27 26.83 -23.63
C1 BMA H . 7.85 28.17 -21.61
C2 BMA H . 6.64 28.90 -22.13
C3 BMA H . 5.49 27.91 -22.40
C4 BMA H . 5.87 26.39 -22.25
C5 BMA H . 7.37 26.04 -22.56
C6 BMA H . 7.55 25.35 -23.90
O2 BMA H . 6.94 29.53 -23.37
O3 BMA H . 4.88 28.13 -23.68
O4 BMA H . 5.52 25.93 -20.95
O5 BMA H . 8.24 27.20 -22.52
O6 BMA H . 8.57 24.37 -23.78
C1 MAN H . 3.79 29.08 -23.57
C2 MAN H . 4.02 30.23 -24.60
C3 MAN H . 3.34 31.51 -24.12
C4 MAN H . 2.06 31.18 -23.35
C5 MAN H . 2.43 30.45 -22.04
C6 MAN H . 1.29 29.65 -21.45
O2 MAN H . 3.44 29.91 -25.87
O3 MAN H . 3.06 32.38 -25.20
O4 MAN H . 1.36 32.37 -23.03
O5 MAN H . 3.55 29.53 -22.26
O6 MAN H . 1.71 29.14 -20.19
C1 NAG I . -19.80 11.89 -8.44
C2 NAG I . -20.44 13.13 -7.84
C3 NAG I . -21.06 13.99 -8.94
C4 NAG I . -20.03 14.29 -10.03
C5 NAG I . -19.39 12.99 -10.53
C6 NAG I . -18.28 13.22 -11.51
C7 NAG I . -21.81 13.61 -5.86
C8 NAG I . -22.85 13.09 -4.91
N2 NAG I . -21.43 12.79 -6.85
O3 NAG I . -21.54 15.21 -8.39
O4 NAG I . -20.64 14.96 -11.11
O5 NAG I . -18.84 12.26 -9.43
O6 NAG I . -17.92 12.03 -12.20
O7 NAG I . -21.32 14.73 -5.73
#